data_7P2F
#
_entry.id   7P2F
#
_cell.length_a   124.430
_cell.length_b   215.390
_cell.length_c   114.480
_cell.angle_alpha   90.000
_cell.angle_beta   90.000
_cell.angle_gamma   90.000
#
_symmetry.space_group_name_H-M   'C 2 2 21'
#
loop_
_entity.id
_entity.type
_entity.pdbx_description
1 polymer 'Copper-containing nitrite reductase'
2 non-polymer 'COPPER (II) ION'
3 water water
#
_entity_poly.entity_id   1
_entity_poly.type   'polypeptide(L)'
_entity_poly.pdbx_seq_one_letter_code
;MSEQFQMTRRSMLAGAAIAGAVTPLIGAVSAHAEEAVAKTAHINVASLPRVKVDLVKPPFVHAHTQKAEGGPKVVEFTLT
IEEKKIVIDEQGTELHAMTFNGSVPGPLMVVHQDDYVELTLINPDTNTLQHNIDFHSATGALGGGALTVVNPGDTTVLRF
KASKAGVFVYHCAPPGMVPWHVTSGMNGAIMVLPREGLTDGKGNSITYDKVYYVGEQDFYVPRDANGKFKKYESVGEAYA
DTLEVMRTLTPSHIVFNGAVGALTGDSALKAAVGEKVLIVHSQANRDTRPHLIGGHGDYVWATGKFRNAPDVDQETWFIP
GGTAGAAFYTFEQPGIYAYVNHNLIEAFELGAAAHFAVTGDWNDDLMTSVRAPSGT
;
_entity_poly.pdbx_strand_id   A,B,C
#
# COMPACT_ATOMS: atom_id res chain seq x y z
N SER A 47 13.29 41.92 1.51
CA SER A 47 13.95 42.49 2.71
C SER A 47 14.34 41.39 3.73
N LEU A 48 13.99 40.13 3.48
CA LEU A 48 14.49 38.95 4.23
C LEU A 48 15.89 38.61 3.73
N PRO A 49 16.78 38.08 4.60
CA PRO A 49 18.13 37.70 4.20
C PRO A 49 18.10 36.57 3.15
N ARG A 50 18.89 36.72 2.08
CA ARG A 50 18.95 35.75 0.96
C ARG A 50 20.19 34.85 1.14
N VAL A 51 20.06 33.59 0.69
CA VAL A 51 21.16 32.58 0.68
C VAL A 51 21.10 31.83 -0.66
N LYS A 52 22.25 31.32 -1.12
CA LYS A 52 22.37 30.65 -2.44
C LYS A 52 22.92 29.24 -2.24
N VAL A 53 22.18 28.22 -2.68
CA VAL A 53 22.55 26.79 -2.49
C VAL A 53 23.29 26.29 -3.74
N ASP A 54 24.43 25.63 -3.52
CA ASP A 54 25.14 24.79 -4.53
C ASP A 54 24.64 23.36 -4.42
N LEU A 55 23.86 22.88 -5.39
CA LEU A 55 23.26 21.53 -5.33
C LEU A 55 24.34 20.49 -5.66
N VAL A 56 24.18 19.26 -5.16
CA VAL A 56 25.09 18.10 -5.44
C VAL A 56 24.25 16.93 -5.98
N LYS A 57 24.92 16.00 -6.66
CA LYS A 57 24.32 14.79 -7.29
C LYS A 57 23.96 13.82 -6.16
N PRO A 58 22.74 13.25 -6.17
CA PRO A 58 22.40 12.14 -5.26
C PRO A 58 23.34 10.96 -5.37
N PRO A 59 23.48 10.11 -4.32
CA PRO A 59 22.63 10.16 -3.11
C PRO A 59 23.02 11.17 -2.03
N PHE A 60 24.04 12.01 -2.30
CA PHE A 60 24.55 13.02 -1.36
C PHE A 60 23.58 14.22 -1.34
N VAL A 61 23.70 15.02 -0.29
CA VAL A 61 22.84 16.21 0.00
C VAL A 61 23.73 17.43 0.26
N HIS A 62 23.30 18.59 -0.23
CA HIS A 62 24.06 19.86 -0.09
C HIS A 62 24.21 20.21 1.40
N ALA A 63 25.08 21.17 1.71
CA ALA A 63 25.36 21.63 3.08
C ALA A 63 24.12 22.32 3.65
N HIS A 64 23.81 22.05 4.92
CA HIS A 64 22.56 22.52 5.59
C HIS A 64 22.74 22.36 7.10
N THR A 65 21.96 23.07 7.90
CA THR A 65 21.88 22.88 9.38
C THR A 65 20.57 22.14 9.71
N GLN A 66 20.57 21.31 10.74
CA GLN A 66 19.31 20.69 11.25
C GLN A 66 18.46 21.77 11.93
N LYS A 67 18.87 22.26 13.10
CA LYS A 67 18.35 23.53 13.71
C LYS A 67 18.65 24.71 12.77
N ALA A 68 17.66 25.58 12.54
CA ALA A 68 17.78 26.82 11.72
C ALA A 68 18.63 27.85 12.46
N GLU A 69 19.46 28.60 11.73
CA GLU A 69 20.24 29.75 12.27
C GLU A 69 19.54 31.06 11.86
N GLY A 70 18.91 31.73 12.82
CA GLY A 70 18.13 32.97 12.61
C GLY A 70 16.68 32.68 12.30
N GLY A 71 15.98 33.67 11.73
CA GLY A 71 14.56 33.58 11.32
C GLY A 71 14.45 33.26 9.84
N PRO A 72 13.24 33.36 9.25
CA PRO A 72 13.04 33.06 7.82
C PRO A 72 14.08 33.66 6.86
N LYS A 73 14.53 32.84 5.90
CA LYS A 73 15.38 33.21 4.74
C LYS A 73 14.61 33.01 3.43
N VAL A 74 15.00 33.72 2.36
CA VAL A 74 14.71 33.37 0.94
C VAL A 74 15.89 32.54 0.43
N VAL A 75 15.65 31.28 0.06
CA VAL A 75 16.70 30.31 -0.36
C VAL A 75 16.60 30.11 -1.87
N GLU A 76 17.70 30.43 -2.59
CA GLU A 76 17.78 30.46 -4.08
C GLU A 76 18.37 29.15 -4.59
N PHE A 77 17.65 28.51 -5.51
CA PHE A 77 18.10 27.30 -6.22
C PHE A 77 17.92 27.53 -7.72
N THR A 78 18.79 26.90 -8.50
CA THR A 78 18.74 26.82 -9.99
C THR A 78 18.72 25.35 -10.40
N LEU A 79 17.82 24.97 -11.30
CA LEU A 79 17.81 23.64 -11.98
C LEU A 79 17.83 23.86 -13.50
N THR A 80 18.71 23.16 -14.19
CA THR A 80 18.85 23.19 -15.66
C THR A 80 18.33 21.85 -16.21
N ILE A 81 17.25 21.87 -17.00
CA ILE A 81 16.64 20.65 -17.59
C ILE A 81 17.63 20.08 -18.59
N GLU A 82 17.85 18.77 -18.59
CA GLU A 82 18.68 18.09 -19.61
C GLU A 82 18.01 16.78 -20.03
N GLU A 83 17.63 16.69 -21.30
CA GLU A 83 17.23 15.45 -22.02
C GLU A 83 18.52 14.77 -22.51
N LYS A 84 18.67 13.46 -22.30
CA LYS A 84 19.86 12.71 -22.82
C LYS A 84 19.64 11.20 -22.70
N LYS A 85 20.41 10.46 -23.49
CA LYS A 85 20.56 8.98 -23.42
C LYS A 85 21.36 8.60 -22.16
N ILE A 86 20.90 7.54 -21.46
CA ILE A 86 21.59 6.93 -20.29
C ILE A 86 21.53 5.42 -20.43
N VAL A 87 22.49 4.72 -19.82
CA VAL A 87 22.51 3.24 -19.71
C VAL A 87 21.92 2.88 -18.33
N ILE A 88 20.94 1.98 -18.26
CA ILE A 88 20.17 1.70 -17.01
C ILE A 88 20.41 0.26 -16.50
N ASP A 89 21.17 -0.60 -17.18
CA ASP A 89 21.41 -2.00 -16.73
C ASP A 89 22.75 -2.50 -17.26
N GLU A 90 23.10 -3.77 -16.98
CA GLU A 90 24.42 -4.40 -17.27
C GLU A 90 24.47 -4.92 -18.72
N GLN A 91 23.31 -5.06 -19.36
CA GLN A 91 23.17 -5.58 -20.75
C GLN A 91 23.30 -4.42 -21.74
N GLY A 92 23.38 -3.18 -21.25
CA GLY A 92 23.59 -1.96 -22.06
C GLY A 92 22.30 -1.23 -22.43
N THR A 93 21.12 -1.73 -22.05
CA THR A 93 19.81 -1.07 -22.33
C THR A 93 19.91 0.44 -22.11
N GLU A 94 19.58 1.25 -23.11
CA GLU A 94 19.62 2.75 -23.02
C GLU A 94 18.19 3.30 -23.15
N LEU A 95 17.96 4.58 -22.80
CA LEU A 95 16.65 5.26 -22.98
C LEU A 95 16.85 6.78 -22.92
N HIS A 96 15.91 7.52 -23.48
CA HIS A 96 15.97 9.00 -23.54
C HIS A 96 15.39 9.56 -22.24
N ALA A 97 16.24 9.82 -21.26
CA ALA A 97 15.86 10.32 -19.91
C ALA A 97 15.59 11.82 -19.98
N MET A 98 14.65 12.30 -19.19
CA MET A 98 14.33 13.74 -19.03
C MET A 98 14.66 14.14 -17.58
N THR A 99 15.68 14.97 -17.37
CA THR A 99 16.29 15.17 -16.03
C THR A 99 16.26 16.64 -15.60
N PHE A 100 16.23 16.86 -14.29
CA PHE A 100 16.63 18.13 -13.62
C PHE A 100 18.09 17.98 -13.19
N ASN A 101 18.99 18.79 -13.76
CA ASN A 101 20.43 18.95 -13.36
C ASN A 101 21.26 17.72 -13.73
N GLY A 102 20.83 16.93 -14.72
CA GLY A 102 21.64 15.85 -15.31
C GLY A 102 21.49 14.51 -14.62
N SER A 103 20.70 14.41 -13.54
CA SER A 103 20.64 13.19 -12.69
C SER A 103 19.22 12.61 -12.60
N VAL A 104 19.14 11.28 -12.41
CA VAL A 104 17.93 10.54 -11.97
C VAL A 104 18.25 9.83 -10.66
N PRO A 105 17.61 10.20 -9.52
CA PRO A 105 16.64 11.31 -9.47
C PRO A 105 17.26 12.71 -9.49
N GLY A 106 16.41 13.74 -9.65
CA GLY A 106 16.78 15.15 -9.46
C GLY A 106 17.37 15.34 -8.06
N PRO A 107 18.16 16.42 -7.81
CA PRO A 107 18.84 16.57 -6.54
C PRO A 107 17.91 16.99 -5.39
N LEU A 108 18.30 16.67 -4.15
CA LEU A 108 17.53 16.99 -2.93
C LEU A 108 17.78 18.44 -2.49
N MET A 109 16.70 19.21 -2.41
CA MET A 109 16.68 20.61 -1.92
C MET A 109 16.30 20.56 -0.44
N VAL A 110 17.00 21.34 0.39
CA VAL A 110 16.80 21.42 1.87
C VAL A 110 16.63 22.89 2.28
N VAL A 111 15.50 23.16 2.95
CA VAL A 111 15.16 24.44 3.63
C VAL A 111 14.59 24.09 5.00
N HIS A 112 14.10 25.08 5.75
CA HIS A 112 13.38 24.94 7.03
C HIS A 112 11.98 25.49 6.89
N GLN A 113 11.08 25.15 7.80
CA GLN A 113 9.65 25.57 7.75
C GLN A 113 9.58 27.10 7.74
N ASP A 114 8.80 27.67 6.82
CA ASP A 114 8.48 29.12 6.70
C ASP A 114 9.64 29.92 6.07
N ASP A 115 10.74 29.27 5.65
CA ASP A 115 11.62 29.80 4.58
C ASP A 115 10.79 29.92 3.30
N TYR A 116 11.24 30.76 2.36
CA TYR A 116 10.69 30.87 0.98
C TYR A 116 11.70 30.23 0.04
N VAL A 117 11.22 29.42 -0.90
CA VAL A 117 12.05 28.78 -1.97
C VAL A 117 11.93 29.68 -3.19
N GLU A 118 13.04 30.03 -3.83
CA GLU A 118 13.05 30.80 -5.10
C GLU A 118 13.85 29.98 -6.12
N LEU A 119 13.14 29.34 -7.05
CA LEU A 119 13.72 28.40 -8.04
C LEU A 119 13.86 29.10 -9.39
N THR A 120 15.06 29.07 -9.96
CA THR A 120 15.28 29.37 -11.39
C THR A 120 15.29 28.04 -12.15
N LEU A 121 14.34 27.88 -13.08
CA LEU A 121 14.19 26.70 -13.97
C LEU A 121 14.52 27.11 -15.40
N ILE A 122 15.44 26.37 -16.03
CA ILE A 122 16.11 26.71 -17.32
C ILE A 122 15.91 25.53 -18.27
N ASN A 123 15.39 25.80 -19.46
CA ASN A 123 15.21 24.80 -20.55
C ASN A 123 16.10 25.25 -21.70
N PRO A 124 17.37 24.80 -21.78
CA PRO A 124 18.25 25.19 -22.89
C PRO A 124 17.71 24.79 -24.26
N ASP A 125 18.09 25.55 -25.29
CA ASP A 125 17.63 25.46 -26.70
C ASP A 125 18.04 24.13 -27.37
N THR A 126 18.87 23.30 -26.69
CA THR A 126 19.35 21.96 -27.14
C THR A 126 18.38 20.84 -26.72
N ASN A 127 17.44 21.11 -25.81
CA ASN A 127 16.28 20.23 -25.52
C ASN A 127 15.25 20.38 -26.65
N THR A 128 14.46 19.32 -26.89
CA THR A 128 13.42 19.25 -27.97
C THR A 128 12.00 19.47 -27.41
N LEU A 129 11.75 19.26 -26.10
CA LEU A 129 10.37 19.21 -25.52
C LEU A 129 10.09 20.38 -24.56
N GLN A 130 8.80 20.59 -24.30
CA GLN A 130 8.24 21.49 -23.25
C GLN A 130 8.32 20.79 -21.88
N HIS A 131 8.54 21.55 -20.81
CA HIS A 131 8.68 21.06 -19.41
C HIS A 131 8.15 22.12 -18.42
N ASN A 132 7.98 21.74 -17.15
CA ASN A 132 7.62 22.64 -16.01
C ASN A 132 8.04 21.94 -14.70
N ILE A 133 7.54 22.38 -13.56
CA ILE A 133 7.82 21.73 -12.24
C ILE A 133 6.66 21.93 -11.26
N ASP A 134 6.24 20.84 -10.60
CA ASP A 134 5.16 20.78 -9.58
C ASP A 134 5.84 20.39 -8.27
N PHE A 135 5.87 21.28 -7.27
CA PHE A 135 6.31 21.00 -5.89
C PHE A 135 5.08 20.60 -5.05
N HIS A 136 5.11 19.40 -4.45
CA HIS A 136 4.07 18.90 -3.51
C HIS A 136 4.10 19.69 -2.20
N SER A 137 5.21 20.41 -1.93
CA SER A 137 5.43 21.23 -0.70
C SER A 137 4.76 22.61 -0.79
N ALA A 138 4.29 23.03 -1.97
CA ALA A 138 3.72 24.37 -2.27
C ALA A 138 2.19 24.30 -2.40
N THR A 139 1.54 25.46 -2.23
CA THR A 139 0.06 25.65 -2.29
C THR A 139 -0.29 26.57 -3.47
N GLY A 140 -1.09 26.09 -4.42
CA GLY A 140 -1.66 26.85 -5.56
C GLY A 140 -1.12 26.43 -6.91
N ALA A 141 -1.89 26.68 -7.99
CA ALA A 141 -1.44 26.63 -9.40
C ALA A 141 -0.71 25.31 -9.68
N LEU A 142 -1.28 24.19 -9.21
CA LEU A 142 -0.79 22.82 -9.51
C LEU A 142 0.65 22.65 -8.98
N GLY A 143 0.93 23.16 -7.78
CA GLY A 143 2.27 23.14 -7.14
C GLY A 143 3.31 23.98 -7.89
N GLY A 144 2.86 24.90 -8.76
CA GLY A 144 3.73 25.73 -9.62
C GLY A 144 3.75 25.26 -11.06
N GLY A 145 3.11 24.13 -11.38
CA GLY A 145 3.05 23.60 -12.74
C GLY A 145 2.53 24.65 -13.71
N ALA A 146 1.47 25.36 -13.32
CA ALA A 146 0.73 26.29 -14.20
C ALA A 146 1.51 27.61 -14.39
N LEU A 147 2.54 27.89 -13.59
CA LEU A 147 3.33 29.17 -13.65
C LEU A 147 4.75 28.95 -14.20
N THR A 148 5.11 27.75 -14.67
CA THR A 148 6.53 27.38 -14.96
C THR A 148 6.66 26.63 -16.30
N VAL A 149 5.68 26.75 -17.19
CA VAL A 149 5.73 26.12 -18.54
C VAL A 149 6.83 26.82 -19.35
N VAL A 150 7.91 26.09 -19.65
CA VAL A 150 9.14 26.60 -20.31
C VAL A 150 9.43 25.74 -21.56
N ASN A 151 9.50 26.37 -22.73
CA ASN A 151 9.84 25.74 -24.04
C ASN A 151 11.37 25.82 -24.22
N PRO A 152 11.96 25.04 -25.15
CA PRO A 152 13.40 25.15 -25.43
C PRO A 152 13.81 26.60 -25.70
N GLY A 153 14.75 27.14 -24.91
CA GLY A 153 15.23 28.53 -25.00
C GLY A 153 14.73 29.41 -23.87
N ASP A 154 13.77 28.92 -23.09
CA ASP A 154 13.05 29.73 -22.08
C ASP A 154 13.61 29.46 -20.69
N THR A 155 13.25 30.35 -19.77
CA THR A 155 13.67 30.43 -18.35
C THR A 155 12.49 30.98 -17.54
N THR A 156 12.28 30.50 -16.31
CA THR A 156 11.24 31.05 -15.39
C THR A 156 11.79 31.13 -13.96
N VAL A 157 11.12 31.90 -13.11
CA VAL A 157 11.45 31.99 -11.66
C VAL A 157 10.14 31.93 -10.85
N LEU A 158 10.09 30.96 -9.93
CA LEU A 158 8.95 30.67 -9.03
C LEU A 158 9.39 30.88 -7.58
N ARG A 159 8.57 31.57 -6.78
CA ARG A 159 8.75 31.67 -5.31
C ARG A 159 7.49 31.15 -4.60
N PHE A 160 7.67 30.26 -3.61
CA PHE A 160 6.58 29.74 -2.76
C PHE A 160 7.08 29.64 -1.30
N LYS A 161 6.16 29.84 -0.36
CA LYS A 161 6.40 29.64 1.10
C LYS A 161 6.35 28.14 1.40
N ALA A 162 7.37 27.63 2.08
CA ALA A 162 7.42 26.24 2.60
C ALA A 162 6.74 26.20 3.98
N SER A 163 5.40 26.32 3.99
CA SER A 163 4.58 26.44 5.23
C SER A 163 4.56 25.15 6.06
N LYS A 164 4.91 24.00 5.45
CA LYS A 164 4.62 22.65 6.04
C LYS A 164 5.89 21.80 6.09
N ALA A 165 6.21 21.26 7.28
CA ALA A 165 7.42 20.46 7.56
C ALA A 165 7.23 19.01 7.07
N GLY A 166 8.25 18.48 6.40
CA GLY A 166 8.23 17.13 5.82
C GLY A 166 9.18 17.00 4.64
N VAL A 167 9.25 15.80 4.08
CA VAL A 167 9.89 15.50 2.76
C VAL A 167 8.78 15.39 1.73
N PHE A 168 8.92 16.05 0.58
CA PHE A 168 7.88 16.10 -0.49
C PHE A 168 8.55 15.78 -1.83
N VAL A 169 7.79 15.16 -2.75
CA VAL A 169 8.14 14.98 -4.19
C VAL A 169 8.05 16.34 -4.91
N TYR A 170 8.98 16.62 -5.84
CA TYR A 170 8.76 17.56 -6.96
C TYR A 170 8.89 16.72 -8.24
N HIS A 171 8.12 17.06 -9.27
CA HIS A 171 8.14 16.39 -10.61
C HIS A 171 7.63 17.33 -11.70
N CYS A 172 8.08 17.08 -12.93
CA CYS A 172 7.55 17.70 -14.16
C CYS A 172 6.09 17.23 -14.33
N ALA A 173 5.24 18.03 -14.96
CA ALA A 173 3.82 17.71 -15.22
C ALA A 173 3.28 18.57 -16.36
N PRO A 174 3.84 18.44 -17.59
CA PRO A 174 3.42 19.28 -18.72
C PRO A 174 2.08 18.79 -19.25
N PRO A 175 1.14 19.70 -19.59
CA PRO A 175 -0.21 19.29 -20.00
C PRO A 175 -0.22 18.23 -21.11
N GLY A 176 -0.94 17.12 -20.90
CA GLY A 176 -1.19 16.07 -21.91
C GLY A 176 -0.07 15.04 -22.03
N MET A 177 1.07 15.16 -21.33
CA MET A 177 2.13 14.11 -21.38
C MET A 177 2.81 13.96 -20.01
N VAL A 178 2.03 14.01 -18.92
CA VAL A 178 2.53 14.00 -17.52
C VAL A 178 3.25 12.68 -17.21
N PRO A 179 2.59 11.50 -17.28
CA PRO A 179 3.23 10.27 -16.83
C PRO A 179 4.50 9.94 -17.64
N TRP A 180 4.58 10.42 -18.88
CA TRP A 180 5.73 10.14 -19.78
C TRP A 180 6.99 10.83 -19.24
N HIS A 181 6.85 12.06 -18.77
CA HIS A 181 7.97 12.87 -18.23
C HIS A 181 8.40 12.31 -16.86
N VAL A 182 7.45 12.09 -15.97
CA VAL A 182 7.73 11.57 -14.60
C VAL A 182 8.43 10.20 -14.71
N THR A 183 7.91 9.27 -15.51
CA THR A 183 8.44 7.88 -15.59
C THR A 183 9.62 7.81 -16.57
N SER A 184 10.09 8.96 -17.08
CA SER A 184 11.39 9.09 -17.81
C SER A 184 12.49 9.68 -16.90
N GLY A 185 12.18 9.90 -15.61
CA GLY A 185 13.16 10.27 -14.56
C GLY A 185 13.09 11.74 -14.17
N MET A 186 12.04 12.48 -14.56
CA MET A 186 11.94 13.94 -14.33
C MET A 186 11.20 14.19 -13.00
N ASN A 187 11.83 13.81 -11.89
CA ASN A 187 11.27 13.92 -10.53
C ASN A 187 12.41 13.91 -9.49
N GLY A 188 12.20 14.52 -8.34
CA GLY A 188 13.16 14.58 -7.22
C GLY A 188 12.41 14.78 -5.92
N ALA A 189 13.03 15.42 -4.93
CA ALA A 189 12.39 15.66 -3.62
C ALA A 189 12.95 16.91 -2.95
N ILE A 190 12.19 17.45 -2.00
CA ILE A 190 12.59 18.60 -1.15
C ILE A 190 12.31 18.22 0.31
N MET A 191 13.27 18.51 1.19
CA MET A 191 13.13 18.29 2.65
C MET A 191 12.98 19.66 3.33
N VAL A 192 11.88 19.84 4.04
CA VAL A 192 11.56 21.07 4.81
C VAL A 192 11.65 20.70 6.30
N LEU A 193 12.76 21.03 6.95
CA LEU A 193 13.03 20.66 8.36
C LEU A 193 12.28 21.60 9.31
N PRO A 194 11.81 21.09 10.47
CA PRO A 194 11.23 21.96 11.49
C PRO A 194 12.34 22.93 11.89
N ARG A 195 11.98 24.18 12.17
CA ARG A 195 12.94 25.24 12.54
C ARG A 195 13.88 24.77 13.67
N GLU A 196 13.40 23.89 14.57
CA GLU A 196 14.16 23.40 15.76
C GLU A 196 14.72 21.99 15.52
N GLY A 197 14.78 21.52 14.26
CA GLY A 197 15.25 20.17 13.91
C GLY A 197 14.24 19.09 14.29
N LEU A 198 14.65 17.82 14.20
CA LEU A 198 13.73 16.64 14.28
C LEU A 198 13.47 16.27 15.73
N THR A 199 12.30 15.70 16.01
CA THR A 199 11.94 15.06 17.30
C THR A 199 11.61 13.59 17.05
N ASP A 200 11.55 12.80 18.12
CA ASP A 200 11.08 11.40 18.15
C ASP A 200 9.56 11.38 18.29
N GLY A 201 8.90 12.54 18.21
CA GLY A 201 7.45 12.72 18.35
C GLY A 201 6.96 12.48 19.77
N LYS A 202 7.88 12.20 20.70
CA LYS A 202 7.62 11.88 22.13
C LYS A 202 8.33 12.90 23.03
N GLY A 203 8.64 14.08 22.51
CA GLY A 203 9.17 15.23 23.26
C GLY A 203 10.69 15.37 23.22
N ASN A 204 11.44 14.45 22.62
CA ASN A 204 12.92 14.47 22.69
C ASN A 204 13.52 14.85 21.34
N SER A 205 14.47 15.78 21.34
CA SER A 205 15.28 16.16 20.16
C SER A 205 16.10 14.95 19.68
N ILE A 206 16.24 14.76 18.37
CA ILE A 206 17.15 13.73 17.77
C ILE A 206 17.96 14.37 16.65
N THR A 207 19.21 13.92 16.49
CA THR A 207 20.18 14.51 15.53
C THR A 207 20.79 13.38 14.70
N TYR A 208 20.70 13.46 13.37
CA TYR A 208 21.43 12.55 12.44
C TYR A 208 22.85 13.09 12.19
N ASP A 209 23.79 12.17 11.97
CA ASP A 209 25.21 12.46 11.61
C ASP A 209 25.32 12.67 10.09
N LYS A 210 24.47 12.01 9.30
CA LYS A 210 24.52 12.00 7.81
C LYS A 210 23.11 11.75 7.24
N VAL A 211 22.82 12.30 6.06
CA VAL A 211 21.53 12.04 5.33
C VAL A 211 21.85 11.63 3.88
N TYR A 212 21.28 10.51 3.43
CA TYR A 212 21.35 10.03 2.03
C TYR A 212 19.97 10.17 1.38
N TYR A 213 19.93 10.48 0.09
CA TYR A 213 18.67 10.55 -0.70
C TYR A 213 18.66 9.40 -1.70
N VAL A 214 17.72 8.47 -1.55
CA VAL A 214 17.51 7.32 -2.49
C VAL A 214 16.23 7.60 -3.27
N GLY A 215 16.35 7.97 -4.55
CA GLY A 215 15.24 8.09 -5.50
C GLY A 215 15.01 6.79 -6.24
N GLU A 216 13.77 6.30 -6.22
CA GLU A 216 13.35 5.04 -6.89
C GLU A 216 12.59 5.43 -8.16
N GLN A 217 12.92 4.78 -9.27
CA GLN A 217 12.39 5.07 -10.63
C GLN A 217 11.88 3.77 -11.29
N ASP A 218 10.59 3.76 -11.64
CA ASP A 218 9.97 2.76 -12.55
C ASP A 218 10.17 3.23 -14.00
N PHE A 219 10.84 2.41 -14.81
CA PHE A 219 11.07 2.63 -16.26
C PHE A 219 10.24 1.62 -17.09
N TYR A 220 9.84 2.03 -18.29
CA TYR A 220 8.88 1.32 -19.19
C TYR A 220 9.47 1.20 -20.60
N VAL A 221 10.49 0.37 -20.80
CA VAL A 221 11.24 0.25 -22.08
C VAL A 221 10.62 -0.82 -22.97
N PRO A 222 10.19 -0.47 -24.21
CA PRO A 222 9.68 -1.47 -25.17
C PRO A 222 10.70 -2.54 -25.60
N ARG A 223 10.19 -3.73 -25.91
CA ARG A 223 10.99 -4.87 -26.46
C ARG A 223 10.46 -5.21 -27.85
N ASP A 224 11.26 -5.91 -28.64
CA ASP A 224 10.83 -6.48 -29.96
C ASP A 224 10.39 -7.94 -29.72
N ALA A 225 10.08 -8.67 -30.80
CA ALA A 225 9.60 -10.06 -30.77
C ALA A 225 10.56 -10.94 -29.96
N ASN A 226 11.88 -10.76 -30.13
CA ASN A 226 12.94 -11.58 -29.48
C ASN A 226 12.90 -11.42 -27.95
N GLY A 227 12.58 -10.20 -27.49
CA GLY A 227 12.65 -9.81 -26.06
C GLY A 227 13.85 -8.92 -25.75
N LYS A 228 14.58 -8.46 -26.78
CA LYS A 228 15.64 -7.44 -26.62
C LYS A 228 14.97 -6.07 -26.51
N PHE A 229 15.53 -5.19 -25.67
CA PHE A 229 15.09 -3.78 -25.54
C PHE A 229 15.49 -3.05 -26.82
N LYS A 230 14.71 -2.04 -27.22
CA LYS A 230 14.88 -1.29 -28.49
C LYS A 230 15.54 0.07 -28.22
N LYS A 231 16.33 0.56 -29.19
CA LYS A 231 16.93 1.92 -29.24
C LYS A 231 16.10 2.77 -30.21
N TYR A 232 16.09 4.10 -30.03
CA TYR A 232 15.40 5.10 -30.89
C TYR A 232 16.35 6.28 -31.15
N GLU A 233 16.39 6.83 -32.37
CA GLU A 233 17.30 7.95 -32.74
C GLU A 233 16.98 9.21 -31.91
N SER A 234 15.70 9.58 -31.76
CA SER A 234 15.23 10.76 -30.96
C SER A 234 14.26 10.33 -29.86
N VAL A 235 14.07 11.21 -28.86
CA VAL A 235 13.13 11.06 -27.71
C VAL A 235 11.70 10.97 -28.25
N GLY A 236 11.36 11.77 -29.26
CA GLY A 236 10.05 11.79 -29.94
C GLY A 236 9.59 10.41 -30.43
N GLU A 237 10.51 9.60 -30.98
CA GLU A 237 10.18 8.32 -31.67
C GLU A 237 9.90 7.19 -30.66
N ALA A 238 10.22 7.42 -29.37
CA ALA A 238 10.08 6.43 -28.28
C ALA A 238 8.66 6.45 -27.71
N TYR A 239 7.91 7.52 -27.98
CA TYR A 239 6.64 7.90 -27.28
C TYR A 239 5.56 6.81 -27.46
N ALA A 240 5.16 6.51 -28.70
CA ALA A 240 4.01 5.62 -29.00
C ALA A 240 4.26 4.26 -28.32
N ASP A 241 5.41 3.64 -28.62
CA ASP A 241 5.81 2.32 -28.07
C ASP A 241 5.87 2.39 -26.53
N THR A 242 6.31 3.52 -25.96
CA THR A 242 6.43 3.66 -24.50
C THR A 242 5.04 3.71 -23.88
N LEU A 243 4.06 4.35 -24.53
CA LEU A 243 2.67 4.46 -24.01
C LEU A 243 2.03 3.05 -23.97
N GLU A 244 2.27 2.22 -24.98
CA GLU A 244 1.83 0.80 -25.04
C GLU A 244 2.29 0.04 -23.78
N VAL A 245 3.53 0.26 -23.31
CA VAL A 245 4.12 -0.50 -22.17
C VAL A 245 3.55 0.04 -20.84
N MET A 246 3.39 1.36 -20.72
CA MET A 246 2.87 2.05 -19.50
C MET A 246 1.45 1.53 -19.22
N ARG A 247 0.67 1.26 -20.27
CA ARG A 247 -0.75 0.81 -20.20
C ARG A 247 -0.82 -0.62 -19.61
N THR A 248 0.26 -1.41 -19.66
CA THR A 248 0.36 -2.75 -19.03
C THR A 248 0.63 -2.62 -17.51
N LEU A 249 1.06 -1.44 -17.05
CA LEU A 249 1.30 -1.08 -15.62
C LEU A 249 2.41 -1.97 -15.06
N THR A 250 3.29 -2.50 -15.91
CA THR A 250 4.38 -3.46 -15.57
C THR A 250 5.71 -2.84 -15.99
N PRO A 251 6.48 -2.28 -15.04
CA PRO A 251 7.81 -1.74 -15.35
C PRO A 251 8.74 -2.81 -15.93
N SER A 252 9.64 -2.38 -16.82
CA SER A 252 10.74 -3.19 -17.40
C SER A 252 11.93 -3.19 -16.43
N HIS A 253 12.09 -2.09 -15.70
CA HIS A 253 13.20 -1.84 -14.73
C HIS A 253 12.64 -1.01 -13.57
N ILE A 254 13.12 -1.29 -12.35
CA ILE A 254 12.92 -0.43 -11.15
C ILE A 254 14.29 -0.24 -10.51
N VAL A 255 14.81 0.99 -10.44
CA VAL A 255 16.24 1.25 -10.07
C VAL A 255 16.36 2.36 -9.03
N PHE A 256 17.49 2.37 -8.31
CA PHE A 256 17.90 3.45 -7.38
C PHE A 256 19.01 4.25 -8.08
N ASN A 257 18.97 5.59 -7.99
CA ASN A 257 20.00 6.53 -8.53
C ASN A 257 20.24 6.23 -10.02
N GLY A 258 19.21 5.81 -10.76
CA GLY A 258 19.12 5.87 -12.23
C GLY A 258 19.60 4.62 -12.95
N ALA A 259 20.04 3.58 -12.25
CA ALA A 259 20.56 2.35 -12.92
C ALA A 259 20.60 1.15 -11.95
N VAL A 260 20.53 -0.07 -12.50
CA VAL A 260 20.84 -1.33 -11.77
C VAL A 260 22.25 -1.14 -11.20
N GLY A 261 22.43 -1.42 -9.91
CA GLY A 261 23.76 -1.42 -9.26
C GLY A 261 24.37 -0.04 -9.07
N ALA A 262 23.62 1.05 -9.28
CA ALA A 262 24.13 2.43 -9.17
C ALA A 262 24.64 2.74 -7.76
N LEU A 263 24.06 2.13 -6.71
CA LEU A 263 24.44 2.33 -5.29
C LEU A 263 25.05 1.05 -4.69
N THR A 264 25.93 0.37 -5.44
CA THR A 264 26.73 -0.79 -4.99
C THR A 264 28.18 -0.62 -5.47
N GLY A 265 29.09 -1.50 -5.05
CA GLY A 265 30.52 -1.46 -5.38
C GLY A 265 31.20 -0.26 -4.74
N ASP A 266 31.99 0.49 -5.51
CA ASP A 266 32.59 1.81 -5.15
C ASP A 266 31.51 2.76 -4.64
N SER A 267 30.27 2.64 -5.14
CA SER A 267 29.17 3.61 -4.96
C SER A 267 28.23 3.21 -3.81
N ALA A 268 28.57 2.17 -3.05
CA ALA A 268 27.83 1.75 -1.83
C ALA A 268 27.79 2.92 -0.85
N LEU A 269 26.71 3.04 -0.07
CA LEU A 269 26.51 4.12 0.94
C LEU A 269 27.36 3.77 2.18
N LYS A 270 28.24 4.68 2.62
CA LYS A 270 29.18 4.42 3.74
C LYS A 270 28.54 4.83 5.07
N ALA A 271 28.71 3.99 6.11
CA ALA A 271 28.39 4.26 7.53
C ALA A 271 29.36 3.55 8.48
N ALA A 272 29.17 3.74 9.78
CA ALA A 272 29.97 3.14 10.89
C ALA A 272 29.05 2.83 12.09
N VAL A 273 29.40 1.83 12.88
CA VAL A 273 28.66 1.47 14.13
C VAL A 273 28.55 2.73 14.99
N GLY A 274 27.38 2.99 15.58
CA GLY A 274 27.13 4.17 16.44
C GLY A 274 26.78 5.43 15.64
N GLU A 275 26.77 5.37 14.30
CA GLU A 275 26.43 6.52 13.43
C GLU A 275 24.91 6.57 13.21
N LYS A 276 24.33 7.73 13.44
CA LYS A 276 22.89 8.02 13.18
C LYS A 276 22.73 8.46 11.72
N VAL A 277 21.94 7.73 10.92
CA VAL A 277 21.75 8.01 9.46
C VAL A 277 20.26 8.15 9.17
N LEU A 278 19.92 9.19 8.40
CA LEU A 278 18.56 9.46 7.87
C LEU A 278 18.55 9.09 6.38
N ILE A 279 17.63 8.20 5.98
CA ILE A 279 17.43 7.76 4.57
C ILE A 279 16.12 8.36 4.05
N VAL A 280 16.23 9.36 3.18
CA VAL A 280 15.07 9.92 2.42
C VAL A 280 14.89 9.05 1.17
N HIS A 281 13.66 8.62 0.92
CA HIS A 281 13.25 7.71 -0.19
C HIS A 281 12.01 8.33 -0.85
N SER A 282 12.05 8.52 -2.17
CA SER A 282 10.94 9.09 -2.98
C SER A 282 10.59 8.12 -4.10
N GLN A 283 9.33 8.20 -4.54
CA GLN A 283 8.76 7.45 -5.68
C GLN A 283 7.59 8.28 -6.22
N ALA A 284 7.82 8.96 -7.35
CA ALA A 284 6.88 9.93 -7.96
C ALA A 284 5.63 9.21 -8.50
N ASN A 285 5.73 7.95 -8.95
CA ASN A 285 4.66 7.30 -9.75
C ASN A 285 4.13 5.98 -9.17
N ARG A 286 4.88 5.26 -8.35
CA ARG A 286 4.55 3.84 -8.03
C ARG A 286 4.90 3.48 -6.59
N ASP A 287 4.11 2.61 -5.99
CA ASP A 287 4.28 2.08 -4.60
C ASP A 287 5.63 1.35 -4.48
N THR A 288 6.23 1.43 -3.30
CA THR A 288 7.46 0.71 -2.88
C THR A 288 7.42 0.44 -1.36
N ARG A 289 8.31 -0.44 -0.88
CA ARG A 289 8.32 -0.99 0.50
C ARG A 289 9.77 -1.20 0.93
N PRO A 290 10.48 -0.13 1.32
CA PRO A 290 11.88 -0.21 1.68
C PRO A 290 12.08 -1.14 2.88
N HIS A 291 13.23 -1.79 2.89
CA HIS A 291 13.71 -2.66 3.98
C HIS A 291 15.24 -2.65 3.98
N LEU A 292 15.84 -2.42 5.15
CA LEU A 292 17.30 -2.49 5.37
C LEU A 292 17.63 -3.90 5.88
N ILE A 293 18.32 -4.71 5.06
CA ILE A 293 18.55 -6.17 5.33
C ILE A 293 19.65 -6.28 6.39
N GLY A 294 19.28 -6.76 7.58
CA GLY A 294 20.15 -6.83 8.78
C GLY A 294 19.92 -5.66 9.71
N GLY A 295 19.10 -4.70 9.31
CA GLY A 295 18.80 -3.51 10.12
C GLY A 295 17.32 -3.37 10.41
N HIS A 296 16.93 -2.19 10.88
CA HIS A 296 15.53 -1.77 11.14
C HIS A 296 15.41 -0.28 10.81
N GLY A 297 14.20 0.26 10.91
CA GLY A 297 13.95 1.71 11.01
C GLY A 297 13.58 2.06 12.42
N ASP A 298 14.47 2.75 13.14
CA ASP A 298 14.26 3.10 14.57
C ASP A 298 13.13 4.12 14.66
N TYR A 299 13.16 5.14 13.78
CA TYR A 299 12.04 6.10 13.54
C TYR A 299 11.76 6.17 12.04
N VAL A 300 10.49 6.05 11.65
CA VAL A 300 10.02 6.10 10.23
C VAL A 300 8.81 7.03 10.12
N TRP A 301 8.93 8.06 9.28
CA TRP A 301 7.81 8.90 8.80
C TRP A 301 7.42 8.39 7.40
N ALA A 302 6.56 7.36 7.34
CA ALA A 302 6.20 6.65 6.08
C ALA A 302 5.43 7.57 5.12
N THR A 303 4.54 8.43 5.64
CA THR A 303 3.83 9.52 4.89
C THR A 303 4.80 10.70 4.63
N GLY A 304 5.92 10.76 5.37
CA GLY A 304 6.99 11.76 5.20
C GLY A 304 6.74 13.10 5.86
N LYS A 305 5.85 13.20 6.87
CA LYS A 305 5.42 14.51 7.45
C LYS A 305 5.72 14.56 8.95
N PHE A 306 6.70 15.40 9.34
CA PHE A 306 7.43 15.35 10.64
C PHE A 306 6.55 15.82 11.80
N ARG A 307 5.48 16.57 11.55
CA ARG A 307 4.51 16.99 12.60
C ARG A 307 3.74 15.76 13.16
N ASN A 308 3.69 14.64 12.42
CA ASN A 308 3.16 13.32 12.87
C ASN A 308 4.23 12.51 13.62
N ALA A 309 3.83 11.82 14.68
CA ALA A 309 4.74 10.97 15.47
C ALA A 309 5.20 9.82 14.58
N PRO A 310 6.51 9.49 14.54
CA PRO A 310 7.00 8.37 13.73
C PRO A 310 6.60 6.98 14.25
N ASP A 311 6.56 5.98 13.37
CA ASP A 311 6.47 4.54 13.72
C ASP A 311 7.85 4.06 14.19
N VAL A 312 7.91 3.15 15.17
CA VAL A 312 9.19 2.68 15.77
C VAL A 312 9.33 1.18 15.51
N ASP A 313 10.58 0.68 15.44
CA ASP A 313 10.94 -0.76 15.39
C ASP A 313 10.48 -1.39 14.07
N GLN A 314 10.52 -0.64 12.97
CA GLN A 314 9.98 -1.09 11.65
C GLN A 314 10.96 -2.08 10.98
N GLU A 315 10.45 -3.20 10.46
CA GLU A 315 11.20 -4.16 9.61
C GLU A 315 11.15 -3.68 8.15
N THR A 316 9.95 -3.28 7.73
CA THR A 316 9.58 -2.89 6.35
C THR A 316 8.60 -1.73 6.45
N TRP A 317 8.74 -0.70 5.63
CA TRP A 317 7.77 0.43 5.64
C TRP A 317 7.22 0.66 4.23
N PHE A 318 6.11 1.40 4.12
CA PHE A 318 5.35 1.57 2.87
C PHE A 318 5.30 3.07 2.49
N ILE A 319 5.73 3.36 1.26
CA ILE A 319 5.74 4.71 0.64
C ILE A 319 4.86 4.64 -0.59
N PRO A 320 3.64 5.20 -0.56
CA PRO A 320 2.76 5.17 -1.73
C PRO A 320 3.34 6.00 -2.88
N GLY A 321 3.08 5.59 -4.12
CA GLY A 321 3.44 6.39 -5.31
C GLY A 321 2.92 7.80 -5.15
N GLY A 322 3.77 8.80 -5.40
CA GLY A 322 3.43 10.23 -5.22
C GLY A 322 3.86 10.80 -3.87
N THR A 323 4.72 10.10 -3.14
CA THR A 323 5.14 10.42 -1.76
C THR A 323 6.66 10.28 -1.61
N ALA A 324 7.24 11.01 -0.66
CA ALA A 324 8.60 10.81 -0.09
C ALA A 324 8.46 10.40 1.38
N GLY A 325 9.27 9.42 1.80
CA GLY A 325 9.34 8.96 3.21
C GLY A 325 10.71 9.21 3.79
N ALA A 326 10.87 9.03 5.10
CA ALA A 326 12.21 9.10 5.76
C ALA A 326 12.28 8.12 6.95
N ALA A 327 13.47 7.54 7.14
CA ALA A 327 13.80 6.56 8.20
C ALA A 327 15.14 6.92 8.85
N PHE A 328 15.16 6.94 10.18
CA PHE A 328 16.32 7.25 11.06
C PHE A 328 16.84 5.93 11.64
N TYR A 329 18.10 5.59 11.42
CA TYR A 329 18.69 4.35 12.02
C TYR A 329 20.07 4.65 12.61
N THR A 330 20.37 3.99 13.74
CA THR A 330 21.70 3.87 14.41
C THR A 330 22.23 2.46 14.15
N PHE A 331 23.29 2.34 13.33
CA PHE A 331 23.98 1.07 13.03
C PHE A 331 24.63 0.53 14.31
N GLU A 332 24.46 -0.76 14.55
CA GLU A 332 24.92 -1.48 15.77
C GLU A 332 25.82 -2.65 15.40
N GLN A 333 25.95 -2.97 14.11
CA GLN A 333 26.66 -4.16 13.59
C GLN A 333 27.42 -3.76 12.31
N PRO A 334 28.73 -4.07 12.18
CA PRO A 334 29.46 -3.81 10.94
C PRO A 334 29.09 -4.79 9.83
N GLY A 335 29.64 -4.56 8.63
CA GLY A 335 29.53 -5.46 7.47
C GLY A 335 28.74 -4.86 6.31
N ILE A 336 28.43 -5.71 5.32
CA ILE A 336 27.63 -5.37 4.12
C ILE A 336 26.15 -5.50 4.49
N TYR A 337 25.37 -4.45 4.24
CA TYR A 337 23.89 -4.46 4.34
C TYR A 337 23.32 -4.21 2.94
N ALA A 338 22.17 -4.81 2.65
CA ALA A 338 21.36 -4.50 1.45
C ALA A 338 20.17 -3.63 1.87
N TYR A 339 19.83 -2.64 1.05
CA TYR A 339 18.64 -1.78 1.17
C TYR A 339 17.85 -2.03 -0.10
N VAL A 340 16.62 -2.55 0.04
CA VAL A 340 15.83 -3.11 -1.09
C VAL A 340 14.37 -2.66 -0.99
N ASN A 341 13.69 -2.78 -2.12
CA ASN A 341 12.22 -2.82 -2.21
C ASN A 341 11.87 -4.28 -1.91
N HIS A 342 11.14 -4.59 -0.83
CA HIS A 342 10.87 -5.99 -0.38
C HIS A 342 9.66 -6.63 -1.09
N ASN A 343 9.34 -6.20 -2.31
CA ASN A 343 8.95 -7.15 -3.39
C ASN A 343 10.26 -7.56 -4.08
N LEU A 344 10.72 -8.79 -3.82
CA LEU A 344 12.12 -9.24 -4.04
C LEU A 344 12.36 -9.54 -5.52
N ILE A 345 11.31 -9.78 -6.30
CA ILE A 345 11.39 -9.78 -7.79
C ILE A 345 11.73 -8.35 -8.22
N GLU A 346 11.03 -7.36 -7.68
CA GLU A 346 11.29 -5.94 -8.01
C GLU A 346 12.75 -5.63 -7.63
N ALA A 347 13.24 -6.21 -6.53
CA ALA A 347 14.58 -5.94 -5.95
C ALA A 347 15.70 -6.60 -6.79
N PHE A 348 15.64 -7.94 -6.96
CA PHE A 348 16.76 -8.77 -7.47
C PHE A 348 16.62 -9.07 -8.97
N GLU A 349 15.41 -8.97 -9.55
CA GLU A 349 15.22 -9.21 -11.00
C GLU A 349 15.24 -7.88 -11.77
N LEU A 350 14.61 -6.83 -11.23
CA LEU A 350 14.30 -5.59 -12.00
C LEU A 350 15.22 -4.43 -11.59
N GLY A 351 15.97 -4.52 -10.48
CA GLY A 351 17.09 -3.61 -10.18
C GLY A 351 16.98 -2.79 -8.89
N ALA A 352 15.96 -2.99 -8.04
CA ALA A 352 15.66 -2.08 -6.90
C ALA A 352 16.41 -2.51 -5.63
N ALA A 353 17.75 -2.40 -5.63
CA ALA A 353 18.65 -2.91 -4.57
C ALA A 353 19.95 -2.09 -4.50
N ALA A 354 20.24 -1.54 -3.31
CA ALA A 354 21.49 -0.81 -2.97
C ALA A 354 22.25 -1.54 -1.85
N HIS A 355 23.53 -1.22 -1.63
CA HIS A 355 24.35 -1.73 -0.50
C HIS A 355 24.81 -0.58 0.42
N PHE A 356 24.96 -0.88 1.72
CA PHE A 356 25.79 -0.12 2.70
C PHE A 356 27.04 -0.94 3.04
N ALA A 357 28.19 -0.26 3.12
CA ALA A 357 29.46 -0.75 3.73
C ALA A 357 29.64 -0.06 5.08
N VAL A 358 29.63 -0.82 6.18
CA VAL A 358 29.68 -0.29 7.58
C VAL A 358 30.94 -0.82 8.29
N THR A 359 31.78 0.10 8.77
CA THR A 359 33.00 -0.15 9.59
C THR A 359 32.62 -0.30 11.07
N GLY A 360 33.49 -0.92 11.88
CA GLY A 360 33.30 -1.07 13.34
C GLY A 360 33.48 -2.49 13.83
N ASP A 361 33.18 -2.73 15.11
CA ASP A 361 33.45 -4.00 15.83
C ASP A 361 32.16 -4.82 15.94
N TRP A 362 32.28 -6.13 15.70
CA TRP A 362 31.18 -7.13 15.79
C TRP A 362 30.70 -7.25 17.25
N ASN A 363 29.37 -7.26 17.45
CA ASN A 363 28.70 -7.39 18.77
C ASN A 363 28.14 -8.82 18.87
N ASP A 364 28.82 -9.67 19.65
CA ASP A 364 28.51 -11.12 19.79
C ASP A 364 27.21 -11.32 20.55
N ASP A 365 26.87 -10.38 21.42
CA ASP A 365 25.62 -10.39 22.21
C ASP A 365 24.42 -10.32 21.25
N LEU A 366 24.48 -9.50 20.20
CA LEU A 366 23.32 -9.28 19.27
C LEU A 366 23.16 -10.48 18.33
N MET A 367 24.28 -11.07 17.90
CA MET A 367 24.26 -12.22 16.96
C MET A 367 25.61 -12.93 17.05
N THR A 368 25.57 -14.27 17.05
CA THR A 368 26.78 -15.12 16.99
C THR A 368 26.44 -16.45 16.32
N SER A 369 27.37 -16.95 15.49
CA SER A 369 27.33 -18.30 14.91
C SER A 369 27.86 -19.28 15.96
N VAL A 370 26.98 -20.10 16.56
CA VAL A 370 27.38 -21.10 17.59
C VAL A 370 28.15 -22.24 16.90
N ARG A 371 27.65 -22.71 15.76
CA ARG A 371 28.20 -23.81 14.92
C ARG A 371 28.11 -23.39 13.44
N ALA A 372 29.26 -23.23 12.76
CA ALA A 372 29.36 -22.78 11.36
C ALA A 372 28.88 -23.91 10.44
N PRO A 373 28.29 -23.58 9.26
CA PRO A 373 27.85 -24.61 8.31
C PRO A 373 28.95 -25.65 7.98
N SER A 374 28.61 -26.95 8.14
CA SER A 374 29.49 -28.13 7.92
C SER A 374 28.68 -29.44 7.93
N GLY A 375 29.34 -30.59 7.74
CA GLY A 375 28.75 -31.95 7.83
C GLY A 375 28.68 -32.44 9.26
N SER B 47 25.03 -18.17 30.24
CA SER B 47 24.51 -19.09 31.33
C SER B 47 23.22 -18.54 31.94
N LEU B 48 22.23 -18.20 31.08
CA LEU B 48 20.79 -18.04 31.41
C LEU B 48 20.14 -19.42 31.35
N PRO B 49 18.89 -19.59 31.87
CA PRO B 49 18.16 -20.85 31.69
C PRO B 49 17.79 -21.10 30.22
N ARG B 50 17.81 -22.38 29.81
CA ARG B 50 17.53 -22.88 28.43
C ARG B 50 16.16 -23.57 28.41
N VAL B 51 15.38 -23.38 27.34
CA VAL B 51 14.11 -24.13 27.07
C VAL B 51 14.17 -24.68 25.63
N LYS B 52 13.49 -25.80 25.37
CA LYS B 52 13.35 -26.41 24.01
C LYS B 52 11.89 -26.32 23.57
N VAL B 53 11.62 -25.82 22.36
CA VAL B 53 10.24 -25.71 21.78
C VAL B 53 10.01 -26.90 20.83
N ASP B 54 8.81 -27.50 20.92
CA ASP B 54 8.24 -28.42 19.89
C ASP B 54 7.25 -27.60 19.03
N LEU B 55 7.58 -27.45 17.75
CA LEU B 55 6.85 -26.59 16.78
C LEU B 55 5.63 -27.35 16.22
N VAL B 56 4.57 -26.63 15.81
CA VAL B 56 3.36 -27.25 15.20
C VAL B 56 3.15 -26.66 13.79
N LYS B 57 2.50 -27.44 12.94
CA LYS B 57 1.99 -27.08 11.59
C LYS B 57 1.02 -25.90 11.70
N PRO B 58 1.29 -24.76 11.01
CA PRO B 58 0.30 -23.69 10.89
C PRO B 58 -1.03 -24.23 10.38
N PRO B 59 -2.20 -23.61 10.68
CA PRO B 59 -2.28 -22.31 11.34
C PRO B 59 -2.19 -22.29 12.88
N PHE B 60 -1.85 -23.42 13.49
CA PHE B 60 -1.79 -23.55 14.97
C PHE B 60 -0.42 -23.03 15.42
N VAL B 61 -0.33 -22.68 16.71
CA VAL B 61 0.88 -22.10 17.35
C VAL B 61 1.25 -22.93 18.58
N HIS B 62 2.56 -23.20 18.74
CA HIS B 62 3.12 -24.00 19.87
C HIS B 62 2.75 -23.35 21.21
N ALA B 63 2.81 -24.14 22.29
CA ALA B 63 2.59 -23.74 23.69
C ALA B 63 3.49 -22.56 24.04
N HIS B 64 2.91 -21.48 24.56
CA HIS B 64 3.63 -20.26 25.02
C HIS B 64 2.79 -19.59 26.10
N THR B 65 3.34 -18.59 26.78
CA THR B 65 2.61 -17.68 27.71
C THR B 65 2.63 -16.28 27.09
N GLN B 66 1.57 -15.49 27.31
CA GLN B 66 1.51 -14.07 26.86
C GLN B 66 2.51 -13.24 27.69
N LYS B 67 2.37 -13.20 29.01
CA LYS B 67 3.40 -12.66 29.95
C LYS B 67 4.54 -13.67 30.10
N ALA B 68 5.79 -13.18 30.17
CA ALA B 68 7.01 -13.97 30.43
C ALA B 68 7.00 -14.46 31.87
N GLU B 69 7.37 -15.73 32.11
CA GLU B 69 7.56 -16.28 33.48
C GLU B 69 9.07 -16.29 33.79
N GLY B 70 9.55 -15.29 34.53
CA GLY B 70 10.97 -15.14 34.91
C GLY B 70 11.70 -14.15 34.00
N GLY B 71 13.03 -14.18 34.07
CA GLY B 71 13.93 -13.28 33.33
C GLY B 71 14.29 -13.86 31.95
N PRO B 72 15.20 -13.21 31.20
CA PRO B 72 15.57 -13.68 29.86
C PRO B 72 15.96 -15.18 29.84
N LYS B 73 15.51 -15.88 28.79
CA LYS B 73 15.86 -17.30 28.49
C LYS B 73 16.56 -17.41 27.12
N VAL B 74 17.25 -18.52 26.91
CA VAL B 74 17.72 -19.01 25.58
C VAL B 74 16.71 -20.05 25.08
N VAL B 75 15.97 -19.74 24.01
CA VAL B 75 14.89 -20.63 23.48
C VAL B 75 15.45 -21.35 22.25
N GLU B 76 15.40 -22.69 22.26
CA GLU B 76 15.99 -23.56 21.20
C GLU B 76 14.86 -24.01 20.26
N PHE B 77 15.05 -23.79 18.96
CA PHE B 77 14.17 -24.33 17.90
C PHE B 77 15.03 -25.12 16.91
N THR B 78 14.41 -26.08 16.21
CA THR B 78 15.03 -26.84 15.09
C THR B 78 14.12 -26.75 13.86
N LEU B 79 14.67 -26.32 12.72
CA LEU B 79 14.00 -26.33 11.40
C LEU B 79 14.77 -27.25 10.44
N THR B 80 14.09 -28.24 9.88
CA THR B 80 14.60 -29.18 8.87
C THR B 80 14.03 -28.76 7.51
N ILE B 81 14.89 -28.36 6.56
CA ILE B 81 14.46 -27.93 5.20
C ILE B 81 13.94 -29.16 4.45
N GLU B 82 12.89 -28.98 3.63
CA GLU B 82 12.36 -30.04 2.74
C GLU B 82 11.85 -29.46 1.41
N GLU B 83 12.48 -29.90 0.32
CA GLU B 83 12.02 -29.76 -1.09
C GLU B 83 11.05 -30.91 -1.41
N LYS B 84 9.88 -30.61 -1.95
CA LYS B 84 8.89 -31.64 -2.35
C LYS B 84 7.81 -31.05 -3.27
N LYS B 85 7.18 -31.90 -4.07
CA LYS B 85 5.99 -31.58 -4.89
C LYS B 85 4.78 -31.38 -3.97
N ILE B 86 4.00 -30.32 -4.18
CA ILE B 86 2.65 -30.12 -3.54
C ILE B 86 1.63 -29.77 -4.63
N VAL B 87 0.36 -30.01 -4.32
CA VAL B 87 -0.80 -29.66 -5.19
C VAL B 87 -1.46 -28.42 -4.58
N ILE B 88 -1.65 -27.35 -5.36
CA ILE B 88 -2.03 -26.01 -4.83
C ILE B 88 -3.47 -25.61 -5.22
N ASP B 89 -4.11 -26.29 -6.18
CA ASP B 89 -5.54 -26.02 -6.56
C ASP B 89 -6.29 -27.36 -6.73
N GLU B 90 -7.60 -27.28 -6.98
CA GLU B 90 -8.54 -28.44 -7.10
C GLU B 90 -8.39 -29.10 -8.49
N GLN B 91 -7.68 -28.45 -9.41
CA GLN B 91 -7.39 -29.00 -10.78
C GLN B 91 -6.10 -29.84 -10.74
N GLY B 92 -5.52 -30.10 -9.56
CA GLY B 92 -4.28 -30.89 -9.44
C GLY B 92 -3.05 -30.21 -10.02
N THR B 93 -2.98 -28.87 -10.08
CA THR B 93 -1.74 -28.16 -10.44
C THR B 93 -0.65 -28.47 -9.40
N GLU B 94 0.54 -28.88 -9.85
CA GLU B 94 1.66 -29.28 -8.97
C GLU B 94 2.73 -28.19 -9.03
N LEU B 95 3.60 -28.16 -8.01
CA LEU B 95 4.66 -27.14 -7.82
C LEU B 95 5.81 -27.75 -7.02
N HIS B 96 7.06 -27.46 -7.35
CA HIS B 96 8.24 -27.90 -6.55
C HIS B 96 8.50 -26.87 -5.44
N ALA B 97 7.92 -27.13 -4.27
CA ALA B 97 7.93 -26.24 -3.09
C ALA B 97 9.26 -26.38 -2.35
N MET B 98 9.71 -25.28 -1.73
CA MET B 98 10.91 -25.19 -0.88
C MET B 98 10.46 -24.78 0.53
N THR B 99 10.50 -25.69 1.51
CA THR B 99 9.81 -25.51 2.82
C THR B 99 10.79 -25.59 3.98
N PHE B 100 10.51 -24.84 5.04
CA PHE B 100 11.02 -25.02 6.43
C PHE B 100 10.05 -25.96 7.16
N ASN B 101 10.49 -27.18 7.51
CA ASN B 101 9.74 -28.20 8.31
C ASN B 101 8.56 -28.78 7.52
N GLY B 102 8.55 -28.67 6.19
CA GLY B 102 7.59 -29.41 5.34
C GLY B 102 6.24 -28.72 5.16
N SER B 103 6.05 -27.52 5.70
CA SER B 103 4.80 -26.70 5.55
C SER B 103 5.05 -25.41 4.76
N VAL B 104 3.99 -24.91 4.11
CA VAL B 104 3.89 -23.51 3.59
C VAL B 104 2.66 -22.85 4.21
N PRO B 105 2.82 -21.80 5.05
CA PRO B 105 4.13 -21.24 5.41
C PRO B 105 4.90 -22.17 6.34
N GLY B 106 6.09 -21.74 6.78
CA GLY B 106 6.84 -22.33 7.91
C GLY B 106 6.16 -22.01 9.25
N PRO B 107 6.49 -22.74 10.34
CA PRO B 107 5.76 -22.61 11.59
C PRO B 107 6.09 -21.30 12.32
N LEU B 108 5.11 -20.80 13.07
CA LEU B 108 5.27 -19.56 13.87
C LEU B 108 6.15 -19.90 15.07
N MET B 109 7.24 -19.17 15.26
CA MET B 109 8.09 -19.26 16.47
C MET B 109 7.62 -18.17 17.45
N VAL B 110 7.55 -18.46 18.75
CA VAL B 110 7.14 -17.45 19.78
C VAL B 110 8.19 -17.38 20.89
N VAL B 111 8.71 -16.17 21.15
CA VAL B 111 9.57 -15.81 22.33
C VAL B 111 9.07 -14.48 22.91
N HIS B 112 9.75 -13.98 23.96
CA HIS B 112 9.49 -12.65 24.58
C HIS B 112 10.69 -11.74 24.37
N GLN B 113 10.48 -10.42 24.42
CA GLN B 113 11.51 -9.39 24.20
C GLN B 113 12.69 -9.61 25.16
N ASP B 114 13.92 -9.60 24.61
CA ASP B 114 15.23 -9.66 25.32
C ASP B 114 15.64 -11.11 25.61
N ASP B 115 14.79 -12.10 25.30
CA ASP B 115 15.16 -13.53 25.16
C ASP B 115 16.14 -13.67 23.98
N TYR B 116 16.84 -14.80 23.92
CA TYR B 116 17.77 -15.17 22.83
C TYR B 116 17.15 -16.34 22.06
N VAL B 117 17.21 -16.29 20.73
CA VAL B 117 16.77 -17.38 19.83
C VAL B 117 18.01 -18.19 19.44
N GLU B 118 18.02 -19.49 19.71
CA GLU B 118 19.08 -20.41 19.22
C GLU B 118 18.43 -21.38 18.23
N LEU B 119 18.67 -21.16 16.92
CA LEU B 119 18.09 -21.96 15.83
C LEU B 119 19.12 -22.95 15.27
N THR B 120 18.76 -24.23 15.25
CA THR B 120 19.46 -25.29 14.50
C THR B 120 18.74 -25.42 13.15
N LEU B 121 19.48 -25.21 12.04
CA LEU B 121 18.97 -25.33 10.64
C LEU B 121 19.64 -26.53 9.96
N ILE B 122 18.84 -27.54 9.57
CA ILE B 122 19.29 -28.82 8.95
C ILE B 122 18.86 -28.83 7.48
N ASN B 123 19.80 -29.09 6.58
CA ASN B 123 19.55 -29.32 5.13
C ASN B 123 19.94 -30.77 4.81
N PRO B 124 19.00 -31.73 4.87
CA PRO B 124 19.31 -33.14 4.57
C PRO B 124 19.94 -33.37 3.19
N ASP B 125 20.60 -34.53 3.02
CA ASP B 125 21.33 -34.90 1.78
C ASP B 125 20.35 -35.31 0.68
N THR B 126 19.05 -35.43 0.98
CA THR B 126 17.98 -35.80 0.01
C THR B 126 17.53 -34.57 -0.81
N ASN B 127 17.79 -33.35 -0.33
CA ASN B 127 17.55 -32.06 -1.05
C ASN B 127 18.69 -31.80 -2.05
N THR B 128 18.44 -30.96 -3.06
CA THR B 128 19.35 -30.69 -4.19
C THR B 128 19.96 -29.28 -4.11
N LEU B 129 19.38 -28.31 -3.37
CA LEU B 129 19.81 -26.88 -3.42
C LEU B 129 20.46 -26.39 -2.11
N GLN B 130 21.28 -25.35 -2.25
CA GLN B 130 21.79 -24.48 -1.15
C GLN B 130 20.59 -23.73 -0.51
N HIS B 131 20.63 -23.49 0.81
CA HIS B 131 19.61 -22.73 1.56
C HIS B 131 20.27 -21.95 2.71
N ASN B 132 19.48 -21.09 3.38
CA ASN B 132 19.90 -20.29 4.57
C ASN B 132 18.64 -19.68 5.22
N ILE B 133 18.83 -18.77 6.18
CA ILE B 133 17.67 -18.10 6.85
C ILE B 133 18.05 -16.68 7.28
N ASP B 134 17.11 -15.76 7.01
CA ASP B 134 17.13 -14.31 7.33
C ASP B 134 15.96 -14.06 8.30
N PHE B 135 16.26 -13.59 9.52
CA PHE B 135 15.24 -13.05 10.47
C PHE B 135 15.20 -11.51 10.36
N HIS B 136 14.02 -10.99 10.05
CA HIS B 136 13.70 -9.54 10.13
C HIS B 136 13.78 -9.07 11.60
N SER B 137 13.69 -9.99 12.57
CA SER B 137 13.74 -9.70 14.03
C SER B 137 15.18 -9.56 14.56
N ALA B 138 16.20 -9.93 13.77
CA ALA B 138 17.62 -9.96 14.19
C ALA B 138 18.38 -8.79 13.58
N THR B 139 19.50 -8.43 14.21
CA THR B 139 20.41 -7.33 13.82
C THR B 139 21.80 -7.89 13.42
N GLY B 140 22.18 -7.72 12.15
CA GLY B 140 23.51 -8.06 11.62
C GLY B 140 23.46 -9.18 10.58
N ALA B 141 24.54 -9.29 9.77
CA ALA B 141 24.81 -10.39 8.81
C ALA B 141 23.54 -10.76 8.03
N LEU B 142 22.90 -9.76 7.42
CA LEU B 142 21.72 -9.89 6.51
C LEU B 142 20.61 -10.69 7.22
N GLY B 143 20.40 -10.44 8.51
CA GLY B 143 19.40 -11.12 9.35
C GLY B 143 19.83 -12.51 9.77
N GLY B 144 21.09 -12.88 9.53
CA GLY B 144 21.61 -14.25 9.75
C GLY B 144 21.85 -14.99 8.43
N GLY B 145 21.48 -14.39 7.29
CA GLY B 145 21.62 -15.02 5.97
C GLY B 145 23.06 -15.33 5.61
N ALA B 146 24.00 -14.47 6.00
CA ALA B 146 25.44 -14.58 5.65
C ALA B 146 26.14 -15.62 6.54
N LEU B 147 25.51 -16.06 7.64
CA LEU B 147 26.14 -17.00 8.62
C LEU B 147 25.49 -18.40 8.57
N THR B 148 24.43 -18.60 7.77
CA THR B 148 23.57 -19.82 7.83
C THR B 148 23.51 -20.53 6.47
N VAL B 149 24.51 -20.39 5.60
CA VAL B 149 24.53 -21.00 4.24
C VAL B 149 24.83 -22.50 4.35
N VAL B 150 23.82 -23.34 4.09
CA VAL B 150 23.85 -24.82 4.26
C VAL B 150 23.63 -25.50 2.90
N ASN B 151 24.63 -26.22 2.41
CA ASN B 151 24.51 -27.14 1.24
C ASN B 151 23.83 -28.43 1.71
N PRO B 152 23.26 -29.24 0.80
CA PRO B 152 22.73 -30.55 1.20
C PRO B 152 23.76 -31.39 1.98
N GLY B 153 23.35 -31.90 3.15
CA GLY B 153 24.19 -32.67 4.09
C GLY B 153 24.77 -31.80 5.20
N ASP B 154 24.47 -30.50 5.19
CA ASP B 154 25.06 -29.52 6.14
C ASP B 154 24.03 -29.18 7.23
N THR B 155 24.55 -28.66 8.34
CA THR B 155 23.83 -28.21 9.56
C THR B 155 24.53 -26.95 10.07
N THR B 156 23.77 -25.97 10.57
CA THR B 156 24.32 -24.74 11.19
C THR B 156 23.49 -24.37 12.41
N VAL B 157 24.10 -23.70 13.40
CA VAL B 157 23.42 -23.14 14.59
C VAL B 157 23.70 -21.63 14.66
N LEU B 158 22.65 -20.84 14.87
CA LEU B 158 22.68 -19.36 14.94
C LEU B 158 22.01 -18.89 16.24
N ARG B 159 22.58 -17.87 16.90
CA ARG B 159 21.96 -17.24 18.09
C ARG B 159 21.92 -15.72 17.91
N PHE B 160 20.76 -15.12 18.14
CA PHE B 160 20.53 -13.66 18.10
C PHE B 160 19.62 -13.24 19.27
N LYS B 161 19.81 -12.03 19.77
CA LYS B 161 18.94 -11.40 20.80
C LYS B 161 17.69 -10.85 20.09
N ALA B 162 16.50 -11.23 20.54
CA ALA B 162 15.23 -10.65 20.07
C ALA B 162 14.97 -9.36 20.84
N SER B 163 15.67 -8.28 20.45
CA SER B 163 15.71 -6.99 21.20
C SER B 163 14.51 -6.09 20.90
N LYS B 164 13.62 -6.46 19.96
CA LYS B 164 12.47 -5.60 19.55
C LYS B 164 11.18 -6.43 19.49
N ALA B 165 10.11 -5.93 20.11
CA ALA B 165 8.78 -6.56 20.17
C ALA B 165 8.01 -6.34 18.86
N GLY B 166 7.33 -7.40 18.38
CA GLY B 166 6.47 -7.40 17.19
C GLY B 166 6.35 -8.80 16.59
N VAL B 167 5.57 -8.95 15.52
CA VAL B 167 5.63 -10.10 14.57
C VAL B 167 6.60 -9.71 13.46
N PHE B 168 7.38 -10.66 12.93
CA PHE B 168 8.41 -10.40 11.90
C PHE B 168 8.48 -11.58 10.93
N VAL B 169 8.82 -11.30 9.68
CA VAL B 169 9.02 -12.32 8.60
C VAL B 169 10.38 -12.99 8.81
N TYR B 170 10.48 -14.31 8.54
CA TYR B 170 11.76 -15.03 8.28
C TYR B 170 11.65 -15.71 6.92
N HIS B 171 12.71 -15.69 6.12
CA HIS B 171 12.74 -16.30 4.77
C HIS B 171 14.15 -16.77 4.40
N CYS B 172 14.23 -17.75 3.52
CA CYS B 172 15.49 -18.17 2.84
C CYS B 172 15.92 -16.99 1.95
N ALA B 173 17.22 -16.75 1.80
CA ALA B 173 17.76 -15.68 0.92
C ALA B 173 19.16 -16.02 0.44
N PRO B 174 19.33 -17.05 -0.42
CA PRO B 174 20.64 -17.50 -0.89
C PRO B 174 21.14 -16.69 -2.09
N PRO B 175 22.42 -16.25 -2.08
CA PRO B 175 22.95 -15.38 -3.14
C PRO B 175 22.52 -15.77 -4.56
N GLY B 176 21.88 -14.84 -5.28
CA GLY B 176 21.51 -14.96 -6.71
C GLY B 176 20.28 -15.81 -6.96
N MET B 177 19.53 -16.19 -5.92
CA MET B 177 18.35 -17.11 -6.02
C MET B 177 17.23 -16.67 -5.04
N VAL B 178 17.28 -15.46 -4.50
CA VAL B 178 16.41 -15.01 -3.36
C VAL B 178 14.93 -15.11 -3.74
N PRO B 179 14.42 -14.38 -4.75
CA PRO B 179 12.98 -14.39 -5.01
C PRO B 179 12.42 -15.79 -5.33
N TRP B 180 13.20 -16.63 -6.02
CA TRP B 180 12.76 -17.99 -6.42
C TRP B 180 12.43 -18.82 -5.18
N HIS B 181 13.31 -18.79 -4.18
CA HIS B 181 13.17 -19.57 -2.91
C HIS B 181 11.97 -19.03 -2.13
N VAL B 182 11.88 -17.71 -1.95
CA VAL B 182 10.81 -17.06 -1.15
C VAL B 182 9.45 -17.36 -1.79
N THR B 183 9.29 -17.19 -3.12
CA THR B 183 8.00 -17.43 -3.85
C THR B 183 7.80 -18.91 -4.17
N SER B 184 8.70 -19.78 -3.73
CA SER B 184 8.53 -21.26 -3.73
C SER B 184 7.97 -21.76 -2.38
N GLY B 185 7.72 -20.84 -1.42
CA GLY B 185 7.09 -21.11 -0.10
C GLY B 185 8.05 -21.12 1.09
N MET B 186 9.34 -20.76 0.91
CA MET B 186 10.39 -20.83 1.97
C MET B 186 10.38 -19.54 2.80
N ASN B 187 9.31 -19.35 3.56
CA ASN B 187 9.10 -18.20 4.46
C ASN B 187 8.11 -18.62 5.57
N GLY B 188 8.21 -17.96 6.72
CA GLY B 188 7.26 -18.04 7.85
C GLY B 188 7.38 -16.77 8.66
N ALA B 189 7.10 -16.83 9.97
CA ALA B 189 7.19 -15.63 10.83
C ALA B 189 7.55 -16.00 12.27
N ILE B 190 7.95 -15.00 13.04
CA ILE B 190 8.32 -15.10 14.49
C ILE B 190 7.59 -13.98 15.24
N MET B 191 6.98 -14.31 16.39
CA MET B 191 6.27 -13.36 17.29
C MET B 191 7.13 -13.18 18.55
N VAL B 192 7.69 -11.98 18.69
CA VAL B 192 8.47 -11.50 19.87
C VAL B 192 7.49 -10.68 20.72
N LEU B 193 6.87 -11.31 21.73
CA LEU B 193 5.87 -10.66 22.62
C LEU B 193 6.59 -9.75 23.61
N PRO B 194 5.97 -8.63 24.07
CA PRO B 194 6.55 -7.82 25.13
C PRO B 194 6.49 -8.64 26.43
N ARG B 195 7.43 -8.45 27.36
CA ARG B 195 7.56 -9.30 28.58
C ARG B 195 6.28 -9.20 29.42
N GLU B 196 5.55 -8.08 29.33
CA GLU B 196 4.30 -7.83 30.10
C GLU B 196 3.05 -8.18 29.27
N GLY B 197 3.19 -8.83 28.11
CA GLY B 197 2.06 -9.19 27.23
C GLY B 197 1.60 -8.00 26.39
N LEU B 198 0.51 -8.17 25.64
CA LEU B 198 -0.04 -7.12 24.74
C LEU B 198 -0.79 -6.06 25.58
N THR B 199 -0.84 -4.84 25.06
CA THR B 199 -1.62 -3.70 25.59
C THR B 199 -2.37 -3.05 24.43
N ASP B 200 -3.44 -2.31 24.74
CA ASP B 200 -3.97 -1.23 23.86
C ASP B 200 -2.93 -0.11 23.87
N GLY B 201 -3.17 0.99 23.16
CA GLY B 201 -2.27 2.16 23.18
C GLY B 201 -2.13 2.73 24.58
N LYS B 202 -3.23 2.78 25.34
CA LYS B 202 -3.43 3.67 26.52
C LYS B 202 -3.20 2.90 27.82
N GLY B 203 -2.15 2.06 27.89
CA GLY B 203 -1.64 1.51 29.15
C GLY B 203 -2.32 0.21 29.59
N ASN B 204 -3.54 -0.09 29.12
CA ASN B 204 -4.35 -1.24 29.63
C ASN B 204 -3.94 -2.54 28.96
N SER B 205 -3.87 -3.62 29.75
CA SER B 205 -3.44 -4.98 29.34
C SER B 205 -4.59 -5.72 28.62
N ILE B 206 -4.30 -6.42 27.52
CA ILE B 206 -5.29 -7.24 26.75
C ILE B 206 -4.75 -8.65 26.56
N THR B 207 -5.65 -9.65 26.63
CA THR B 207 -5.36 -11.10 26.63
C THR B 207 -6.22 -11.78 25.57
N TYR B 208 -5.61 -12.55 24.66
CA TYR B 208 -6.30 -13.41 23.67
C TYR B 208 -6.49 -14.82 24.26
N ASP B 209 -7.59 -15.49 23.91
CA ASP B 209 -7.84 -16.92 24.26
C ASP B 209 -7.17 -17.83 23.22
N LYS B 210 -6.98 -17.34 22.00
CA LYS B 210 -6.45 -18.14 20.85
C LYS B 210 -5.65 -17.24 19.90
N VAL B 211 -4.55 -17.76 19.34
CA VAL B 211 -3.79 -17.11 18.23
C VAL B 211 -3.72 -18.09 17.05
N TYR B 212 -4.08 -17.63 15.84
CA TYR B 212 -3.92 -18.36 14.55
C TYR B 212 -2.85 -17.64 13.71
N TYR B 213 -2.13 -18.39 12.87
CA TYR B 213 -1.10 -17.82 11.95
C TYR B 213 -1.52 -18.10 10.50
N VAL B 214 -1.70 -17.03 9.70
CA VAL B 214 -2.09 -17.12 8.27
C VAL B 214 -0.92 -16.66 7.39
N GLY B 215 -0.16 -17.59 6.82
CA GLY B 215 0.84 -17.32 5.77
C GLY B 215 0.19 -17.20 4.38
N GLU B 216 0.34 -16.04 3.74
CA GLU B 216 -0.17 -15.78 2.38
C GLU B 216 0.99 -15.97 1.41
N GLN B 217 0.79 -16.84 0.42
CA GLN B 217 1.84 -17.22 -0.55
C GLN B 217 1.41 -16.89 -2.00
N ASP B 218 2.26 -16.13 -2.70
CA ASP B 218 2.13 -15.80 -4.15
C ASP B 218 3.00 -16.77 -4.96
N PHE B 219 2.37 -17.62 -5.77
CA PHE B 219 3.03 -18.61 -6.66
C PHE B 219 3.01 -18.12 -8.12
N TYR B 220 4.01 -18.54 -8.91
CA TYR B 220 4.26 -18.10 -10.30
C TYR B 220 4.52 -19.33 -11.20
N VAL B 221 3.48 -20.14 -11.42
CA VAL B 221 3.55 -21.46 -12.13
C VAL B 221 3.44 -21.21 -13.63
N PRO B 222 4.41 -21.69 -14.45
CA PRO B 222 4.32 -21.51 -15.90
C PRO B 222 3.16 -22.27 -16.56
N ARG B 223 2.73 -21.78 -17.72
CA ARG B 223 1.50 -22.21 -18.42
C ARG B 223 1.81 -22.27 -19.92
N ASP B 224 1.37 -23.30 -20.65
CA ASP B 224 1.62 -23.37 -22.13
C ASP B 224 0.47 -22.63 -22.83
N ALA B 225 0.70 -22.24 -24.10
CA ALA B 225 -0.14 -21.33 -24.91
C ALA B 225 -1.63 -21.59 -24.66
N ASN B 226 -2.10 -22.84 -24.75
CA ASN B 226 -3.54 -23.17 -24.63
C ASN B 226 -4.04 -22.63 -23.27
N GLY B 227 -3.28 -22.87 -22.19
CA GLY B 227 -3.56 -22.37 -20.83
C GLY B 227 -3.51 -23.44 -19.73
N LYS B 228 -2.97 -24.63 -20.04
CA LYS B 228 -2.77 -25.75 -19.08
C LYS B 228 -1.43 -25.54 -18.34
N PHE B 229 -1.39 -25.85 -17.04
CA PHE B 229 -0.22 -25.60 -16.16
C PHE B 229 0.82 -26.69 -16.41
N LYS B 230 2.09 -26.28 -16.56
CA LYS B 230 3.22 -27.17 -16.90
C LYS B 230 3.63 -27.98 -15.67
N LYS B 231 4.21 -29.17 -15.91
CA LYS B 231 4.82 -30.07 -14.90
C LYS B 231 6.30 -30.27 -15.25
N TYR B 232 7.16 -30.50 -14.25
CA TYR B 232 8.62 -30.66 -14.44
C TYR B 232 9.09 -31.90 -13.68
N GLU B 233 10.17 -32.53 -14.16
CA GLU B 233 10.73 -33.82 -13.64
C GLU B 233 11.50 -33.53 -12.34
N SER B 234 12.33 -32.47 -12.32
CA SER B 234 13.11 -31.97 -11.15
C SER B 234 12.80 -30.48 -10.88
N VAL B 235 13.24 -29.94 -9.74
CA VAL B 235 13.03 -28.51 -9.33
C VAL B 235 13.87 -27.58 -10.22
N GLY B 236 15.07 -28.01 -10.64
CA GLY B 236 16.02 -27.24 -11.46
C GLY B 236 15.50 -26.99 -12.87
N GLU B 237 14.68 -27.91 -13.38
CA GLU B 237 14.08 -27.83 -14.73
C GLU B 237 12.98 -26.76 -14.76
N ALA B 238 12.44 -26.34 -13.62
CA ALA B 238 11.32 -25.36 -13.57
C ALA B 238 11.84 -23.92 -13.52
N TYR B 239 13.12 -23.70 -13.21
CA TYR B 239 13.73 -22.37 -12.97
C TYR B 239 13.42 -21.40 -14.12
N ALA B 240 14.03 -21.63 -15.29
CA ALA B 240 14.04 -20.71 -16.46
C ALA B 240 12.61 -20.23 -16.78
N ASP B 241 11.64 -21.14 -16.80
CA ASP B 241 10.21 -20.85 -17.13
C ASP B 241 9.53 -20.09 -15.97
N THR B 242 9.90 -20.36 -14.71
CA THR B 242 9.31 -19.72 -13.52
C THR B 242 9.76 -18.24 -13.50
N LEU B 243 11.05 -18.00 -13.72
CA LEU B 243 11.70 -16.66 -13.78
C LEU B 243 10.96 -15.74 -14.75
N GLU B 244 10.53 -16.25 -15.91
CA GLU B 244 9.74 -15.51 -16.92
C GLU B 244 8.37 -15.11 -16.38
N VAL B 245 7.69 -15.99 -15.62
CA VAL B 245 6.34 -15.66 -15.06
C VAL B 245 6.50 -14.56 -14.00
N MET B 246 7.53 -14.69 -13.14
CA MET B 246 7.87 -13.77 -12.03
C MET B 246 8.09 -12.34 -12.57
N ARG B 247 8.69 -12.21 -13.76
CA ARG B 247 9.10 -10.93 -14.40
C ARG B 247 7.87 -10.14 -14.86
N THR B 248 6.72 -10.81 -15.02
CA THR B 248 5.38 -10.21 -15.33
C THR B 248 4.70 -9.65 -14.07
N LEU B 249 5.27 -9.91 -12.89
CA LEU B 249 4.77 -9.50 -11.53
C LEU B 249 3.34 -9.97 -11.33
N THR B 250 2.87 -10.99 -12.05
CA THR B 250 1.47 -11.47 -12.03
C THR B 250 1.45 -12.91 -11.52
N PRO B 251 1.08 -13.16 -10.25
CA PRO B 251 0.99 -14.52 -9.73
C PRO B 251 -0.08 -15.35 -10.46
N SER B 252 0.18 -16.65 -10.60
CA SER B 252 -0.77 -17.69 -11.11
C SER B 252 -1.76 -18.05 -9.99
N HIS B 253 -1.31 -17.97 -8.74
CA HIS B 253 -2.09 -18.32 -7.51
C HIS B 253 -1.66 -17.42 -6.35
N ILE B 254 -2.61 -17.17 -5.44
CA ILE B 254 -2.37 -16.55 -4.11
C ILE B 254 -3.21 -17.34 -3.09
N VAL B 255 -2.53 -17.99 -2.13
CA VAL B 255 -3.17 -19.01 -1.24
C VAL B 255 -2.79 -18.74 0.23
N PHE B 256 -3.68 -19.12 1.14
CA PHE B 256 -3.43 -19.24 2.59
C PHE B 256 -3.08 -20.70 2.89
N ASN B 257 -1.98 -20.93 3.61
CA ASN B 257 -1.59 -22.25 4.16
C ASN B 257 -1.33 -23.24 3.00
N GLY B 258 -0.84 -22.73 1.87
CA GLY B 258 -0.14 -23.53 0.84
C GLY B 258 -1.01 -24.03 -0.30
N ALA B 259 -2.32 -23.79 -0.28
CA ALA B 259 -3.25 -24.32 -1.32
C ALA B 259 -4.59 -23.57 -1.31
N VAL B 260 -5.24 -23.49 -2.48
CA VAL B 260 -6.65 -23.00 -2.61
C VAL B 260 -7.46 -23.83 -1.62
N GLY B 261 -8.24 -23.19 -0.76
CA GLY B 261 -9.18 -23.85 0.17
C GLY B 261 -8.49 -24.64 1.28
N ALA B 262 -7.24 -24.34 1.62
CA ALA B 262 -6.51 -25.05 2.71
C ALA B 262 -7.14 -24.75 4.09
N LEU B 263 -7.82 -23.61 4.27
CA LEU B 263 -8.45 -23.25 5.57
C LEU B 263 -9.97 -23.08 5.39
N THR B 264 -10.62 -24.01 4.67
CA THR B 264 -12.11 -24.08 4.53
C THR B 264 -12.57 -25.52 4.84
N GLY B 265 -13.90 -25.71 4.98
CA GLY B 265 -14.53 -27.01 5.27
C GLY B 265 -14.09 -27.53 6.64
N ASP B 266 -13.52 -28.73 6.68
CA ASP B 266 -13.02 -29.41 7.92
C ASP B 266 -11.90 -28.59 8.55
N SER B 267 -11.19 -27.77 7.75
CA SER B 267 -9.95 -27.03 8.14
C SER B 267 -10.27 -25.56 8.48
N ALA B 268 -11.55 -25.15 8.45
CA ALA B 268 -11.97 -23.80 8.87
C ALA B 268 -11.37 -23.53 10.25
N LEU B 269 -11.04 -22.27 10.54
CA LEU B 269 -10.55 -21.82 11.86
C LEU B 269 -11.76 -21.82 12.80
N LYS B 270 -11.60 -22.29 14.04
CA LYS B 270 -12.72 -22.43 15.00
C LYS B 270 -12.64 -21.32 16.05
N ALA B 271 -13.80 -20.75 16.39
CA ALA B 271 -13.99 -19.74 17.46
C ALA B 271 -15.43 -19.79 17.95
N ALA B 272 -15.72 -19.06 19.05
CA ALA B 272 -17.07 -18.95 19.67
C ALA B 272 -17.36 -17.47 20.00
N VAL B 273 -18.63 -17.09 20.04
CA VAL B 273 -19.09 -15.74 20.45
C VAL B 273 -18.48 -15.45 21.83
N GLY B 274 -17.75 -14.35 21.96
CA GLY B 274 -17.17 -13.88 23.23
C GLY B 274 -15.68 -14.19 23.32
N GLU B 275 -15.17 -15.02 22.41
CA GLU B 275 -13.75 -15.44 22.36
C GLU B 275 -12.89 -14.33 21.72
N LYS B 276 -11.74 -14.07 22.32
CA LYS B 276 -10.76 -13.07 21.85
C LYS B 276 -9.71 -13.79 21.01
N VAL B 277 -9.53 -13.37 19.75
CA VAL B 277 -8.67 -14.09 18.75
C VAL B 277 -7.64 -13.14 18.15
N LEU B 278 -6.37 -13.55 18.20
CA LEU B 278 -5.25 -12.87 17.51
C LEU B 278 -4.97 -13.58 16.19
N ILE B 279 -4.97 -12.81 15.09
CA ILE B 279 -4.63 -13.32 13.73
C ILE B 279 -3.34 -12.66 13.27
N VAL B 280 -2.24 -13.39 13.35
CA VAL B 280 -0.94 -13.03 12.73
C VAL B 280 -1.03 -13.37 11.23
N HIS B 281 -0.64 -12.43 10.38
CA HIS B 281 -0.71 -12.54 8.90
C HIS B 281 0.61 -12.05 8.32
N SER B 282 1.27 -12.83 7.46
CA SER B 282 2.59 -12.50 6.85
C SER B 282 2.49 -12.63 5.33
N GLN B 283 3.35 -11.89 4.65
CA GLN B 283 3.54 -11.94 3.17
C GLN B 283 4.95 -11.43 2.94
N ALA B 284 5.85 -12.37 2.63
CA ALA B 284 7.31 -12.15 2.49
C ALA B 284 7.63 -11.43 1.17
N ASN B 285 6.70 -11.28 0.22
CA ASN B 285 7.05 -10.79 -1.15
C ASN B 285 6.09 -9.73 -1.71
N ARG B 286 4.84 -9.68 -1.26
CA ARG B 286 3.77 -8.99 -2.02
C ARG B 286 2.73 -8.41 -1.07
N ASP B 287 2.19 -7.25 -1.42
CA ASP B 287 1.18 -6.55 -0.61
C ASP B 287 -0.09 -7.40 -0.52
N THR B 288 -0.79 -7.26 0.61
CA THR B 288 -2.09 -7.89 0.90
C THR B 288 -2.89 -6.91 1.78
N ARG B 289 -4.21 -7.11 1.85
CA ARG B 289 -5.16 -6.19 2.54
C ARG B 289 -6.24 -7.04 3.21
N PRO B 290 -5.94 -7.69 4.35
CA PRO B 290 -6.87 -8.63 4.96
C PRO B 290 -8.16 -7.94 5.42
N HIS B 291 -9.25 -8.70 5.36
CA HIS B 291 -10.61 -8.29 5.80
C HIS B 291 -11.29 -9.53 6.38
N LEU B 292 -11.94 -9.37 7.52
CA LEU B 292 -12.81 -10.41 8.12
C LEU B 292 -14.27 -10.06 7.76
N ILE B 293 -14.87 -10.84 6.85
CA ILE B 293 -16.19 -10.54 6.22
C ILE B 293 -17.28 -10.86 7.26
N GLY B 294 -17.94 -9.81 7.76
CA GLY B 294 -18.87 -9.87 8.91
C GLY B 294 -18.22 -9.35 10.17
N GLY B 295 -16.91 -9.13 10.16
CA GLY B 295 -16.13 -8.78 11.36
C GLY B 295 -15.45 -7.43 11.20
N HIS B 296 -14.50 -7.14 12.10
CA HIS B 296 -13.62 -5.95 12.12
C HIS B 296 -12.25 -6.33 12.70
N GLY B 297 -11.29 -5.40 12.67
CA GLY B 297 -10.12 -5.40 13.57
C GLY B 297 -10.32 -4.43 14.72
N ASP B 298 -10.58 -4.92 15.94
CA ASP B 298 -10.78 -4.08 17.15
C ASP B 298 -9.49 -3.33 17.48
N TYR B 299 -8.36 -4.06 17.44
CA TYR B 299 -6.97 -3.52 17.55
C TYR B 299 -6.15 -4.15 16.42
N VAL B 300 -5.54 -3.31 15.55
CA VAL B 300 -4.65 -3.75 14.45
C VAL B 300 -3.28 -3.07 14.62
N TRP B 301 -2.22 -3.87 14.52
CA TRP B 301 -0.83 -3.43 14.32
C TRP B 301 -0.45 -3.76 12.88
N ALA B 302 -0.74 -2.85 11.95
CA ALA B 302 -0.64 -3.10 10.49
C ALA B 302 0.83 -3.30 10.07
N THR B 303 1.77 -2.58 10.69
CA THR B 303 3.24 -2.77 10.50
C THR B 303 3.79 -3.90 11.38
N GLY B 304 3.02 -4.34 12.38
CA GLY B 304 3.28 -5.52 13.23
C GLY B 304 4.22 -5.27 14.40
N LYS B 305 4.38 -4.03 14.86
CA LYS B 305 5.39 -3.71 15.92
C LYS B 305 4.65 -3.11 17.14
N PHE B 306 4.66 -3.84 18.26
CA PHE B 306 3.68 -3.70 19.37
C PHE B 306 3.93 -2.43 20.21
N ARG B 307 5.13 -1.84 20.21
CA ARG B 307 5.41 -0.59 21.00
C ARG B 307 4.64 0.61 20.42
N ASN B 308 4.21 0.53 19.15
CA ASN B 308 3.31 1.52 18.51
C ASN B 308 1.86 1.22 18.91
N ALA B 309 1.07 2.28 19.08
CA ALA B 309 -0.37 2.22 19.39
C ALA B 309 -1.12 1.58 18.22
N PRO B 310 -2.05 0.64 18.47
CA PRO B 310 -2.80 0.01 17.38
C PRO B 310 -3.92 0.90 16.83
N ASP B 311 -4.24 0.70 15.55
CA ASP B 311 -5.45 1.25 14.88
C ASP B 311 -6.68 0.52 15.44
N VAL B 312 -7.83 1.21 15.54
CA VAL B 312 -9.09 0.67 16.13
C VAL B 312 -10.20 0.71 15.08
N ASP B 313 -11.12 -0.25 15.15
CA ASP B 313 -12.39 -0.31 14.37
C ASP B 313 -12.11 -0.48 12.86
N GLN B 314 -11.02 -1.15 12.49
CA GLN B 314 -10.61 -1.31 11.06
C GLN B 314 -11.60 -2.23 10.33
N GLU B 315 -11.93 -1.91 9.07
CA GLU B 315 -12.72 -2.80 8.15
C GLU B 315 -11.73 -3.67 7.39
N THR B 316 -10.61 -3.08 7.01
CA THR B 316 -9.59 -3.67 6.11
C THR B 316 -8.26 -3.06 6.51
N TRP B 317 -7.23 -3.87 6.74
CA TRP B 317 -5.89 -3.35 7.09
C TRP B 317 -4.91 -3.72 5.98
N PHE B 318 -3.73 -3.13 5.99
CA PHE B 318 -2.74 -3.22 4.88
C PHE B 318 -1.40 -3.72 5.42
N ILE B 319 -0.90 -4.82 4.86
CA ILE B 319 0.39 -5.44 5.25
C ILE B 319 1.30 -5.40 4.03
N PRO B 320 2.28 -4.49 3.97
CA PRO B 320 3.16 -4.42 2.81
C PRO B 320 4.00 -5.70 2.66
N GLY B 321 4.37 -6.05 1.41
CA GLY B 321 5.28 -7.18 1.10
C GLY B 321 6.58 -7.04 1.87
N GLY B 322 6.99 -8.09 2.59
CA GLY B 322 8.16 -8.09 3.51
C GLY B 322 7.78 -7.82 4.96
N THR B 323 6.51 -8.02 5.33
CA THR B 323 5.97 -7.67 6.67
C THR B 323 5.08 -8.77 7.24
N ALA B 324 5.05 -8.84 8.56
CA ALA B 324 3.99 -9.50 9.36
C ALA B 324 3.19 -8.41 10.08
N GLY B 325 1.86 -8.55 10.11
CA GLY B 325 0.92 -7.75 10.91
C GLY B 325 0.11 -8.62 11.85
N ALA B 326 -0.68 -8.01 12.75
CA ALA B 326 -1.54 -8.72 13.73
C ALA B 326 -2.82 -7.91 14.01
N ALA B 327 -3.95 -8.63 14.03
CA ALA B 327 -5.30 -8.08 14.30
C ALA B 327 -5.89 -8.86 15.48
N PHE B 328 -6.46 -8.14 16.45
CA PHE B 328 -7.13 -8.70 17.65
C PHE B 328 -8.64 -8.45 17.51
N TYR B 329 -9.48 -9.49 17.61
CA TYR B 329 -10.96 -9.37 17.49
C TYR B 329 -11.64 -10.26 18.53
N THR B 330 -12.74 -9.73 19.09
CA THR B 330 -13.74 -10.44 19.93
C THR B 330 -14.99 -10.70 19.08
N PHE B 331 -15.32 -11.98 18.84
CA PHE B 331 -16.50 -12.37 18.04
C PHE B 331 -17.78 -12.01 18.81
N GLU B 332 -18.75 -11.44 18.10
CA GLU B 332 -20.01 -10.87 18.66
C GLU B 332 -21.21 -11.63 18.11
N GLN B 333 -20.99 -12.51 17.13
CA GLN B 333 -22.06 -13.08 16.27
C GLN B 333 -21.60 -14.45 15.76
N PRO B 334 -22.49 -15.47 15.74
CA PRO B 334 -22.12 -16.80 15.27
C PRO B 334 -22.23 -16.94 13.75
N GLY B 335 -21.87 -18.13 13.24
CA GLY B 335 -22.03 -18.52 11.82
C GLY B 335 -20.70 -18.61 11.08
N ILE B 336 -20.80 -18.63 9.75
CA ILE B 336 -19.67 -18.72 8.78
C ILE B 336 -19.16 -17.30 8.49
N TYR B 337 -17.89 -17.05 8.80
CA TYR B 337 -17.15 -15.81 8.42
C TYR B 337 -16.15 -16.18 7.30
N ALA B 338 -15.90 -15.26 6.39
CA ALA B 338 -14.81 -15.34 5.41
C ALA B 338 -13.70 -14.39 5.88
N TYR B 339 -12.45 -14.84 5.77
CA TYR B 339 -11.22 -14.04 5.97
C TYR B 339 -10.49 -14.00 4.62
N VAL B 340 -10.39 -12.81 4.02
CA VAL B 340 -9.94 -12.63 2.60
C VAL B 340 -8.90 -11.51 2.50
N ASN B 341 -8.14 -11.56 1.41
CA ASN B 341 -7.40 -10.42 0.82
C ASN B 341 -8.43 -9.63 0.01
N HIS B 342 -8.70 -8.35 0.35
CA HIS B 342 -9.87 -7.62 -0.22
C HIS B 342 -9.53 -6.95 -1.56
N ASN B 343 -8.56 -7.47 -2.31
CA ASN B 343 -8.66 -7.53 -3.80
C ASN B 343 -9.39 -8.83 -4.11
N LEU B 344 -10.70 -8.74 -4.34
CA LEU B 344 -11.62 -9.91 -4.36
C LEU B 344 -11.33 -10.80 -5.58
N ILE B 345 -10.62 -10.29 -6.59
CA ILE B 345 -10.07 -11.15 -7.68
C ILE B 345 -9.01 -12.07 -7.06
N GLU B 346 -8.04 -11.49 -6.36
CA GLU B 346 -6.96 -12.25 -5.68
C GLU B 346 -7.64 -13.27 -4.73
N ALA B 347 -8.75 -12.91 -4.07
CA ALA B 347 -9.42 -13.78 -3.08
C ALA B 347 -10.15 -14.96 -3.77
N PHE B 348 -11.16 -14.68 -4.58
CA PHE B 348 -12.14 -15.69 -5.04
C PHE B 348 -11.70 -16.37 -6.34
N GLU B 349 -10.87 -15.72 -7.14
CA GLU B 349 -10.43 -16.27 -8.45
C GLU B 349 -9.07 -16.95 -8.33
N LEU B 350 -8.19 -16.48 -7.43
CA LEU B 350 -6.76 -16.88 -7.36
C LEU B 350 -6.45 -17.68 -6.09
N GLY B 351 -7.28 -17.58 -5.04
CA GLY B 351 -7.32 -18.54 -3.90
C GLY B 351 -7.05 -17.96 -2.51
N ALA B 352 -7.02 -16.64 -2.35
CA ALA B 352 -6.66 -15.94 -1.09
C ALA B 352 -7.91 -15.79 -0.20
N ALA B 353 -8.45 -16.91 0.29
CA ALA B 353 -9.74 -16.95 1.03
C ALA B 353 -9.77 -18.12 2.03
N ALA B 354 -10.15 -17.84 3.28
CA ALA B 354 -10.32 -18.82 4.39
C ALA B 354 -11.66 -18.60 5.09
N HIS B 355 -12.10 -19.57 5.89
CA HIS B 355 -13.39 -19.53 6.63
C HIS B 355 -13.12 -19.72 8.13
N PHE B 356 -13.87 -18.99 8.96
CA PHE B 356 -14.07 -19.26 10.41
C PHE B 356 -15.42 -19.94 10.59
N ALA B 357 -15.47 -20.99 11.40
CA ALA B 357 -16.71 -21.56 11.99
C ALA B 357 -16.84 -21.04 13.42
N VAL B 358 -17.88 -20.25 13.71
CA VAL B 358 -18.14 -19.64 15.05
C VAL B 358 -19.46 -20.16 15.61
N THR B 359 -19.43 -20.77 16.80
CA THR B 359 -20.60 -21.20 17.61
C THR B 359 -21.10 -20.03 18.46
N GLY B 360 -22.34 -20.12 18.96
CA GLY B 360 -22.94 -19.15 19.91
C GLY B 360 -24.36 -18.76 19.55
N ASP B 361 -24.91 -17.78 20.28
CA ASP B 361 -26.29 -17.23 20.12
C ASP B 361 -26.28 -16.03 19.17
N TRP B 362 -27.21 -15.99 18.20
CA TRP B 362 -27.45 -14.80 17.34
C TRP B 362 -27.91 -13.60 18.17
N ASN B 363 -27.41 -12.40 17.85
CA ASN B 363 -27.77 -11.10 18.47
C ASN B 363 -28.63 -10.28 17.50
N ASP B 364 -29.94 -10.18 17.78
CA ASP B 364 -30.94 -9.46 16.96
C ASP B 364 -30.68 -7.95 16.98
N ASP B 365 -30.21 -7.42 18.12
CA ASP B 365 -29.80 -6.00 18.28
C ASP B 365 -28.81 -5.60 17.17
N LEU B 366 -27.70 -6.33 17.03
CA LEU B 366 -26.59 -5.99 16.09
C LEU B 366 -27.10 -6.05 14.63
N MET B 367 -27.96 -7.02 14.30
CA MET B 367 -28.39 -7.29 12.90
C MET B 367 -29.63 -8.19 12.91
N THR B 368 -30.71 -7.78 12.24
CA THR B 368 -31.90 -8.66 12.02
C THR B 368 -32.48 -8.49 10.62
N SER B 369 -33.06 -9.59 10.13
CA SER B 369 -33.85 -9.71 8.88
C SER B 369 -35.31 -9.39 9.19
N VAL B 370 -35.74 -8.15 8.93
CA VAL B 370 -37.14 -7.67 9.15
C VAL B 370 -38.07 -8.43 8.19
N ARG B 371 -37.70 -8.49 6.90
CA ARG B 371 -38.36 -9.30 5.84
C ARG B 371 -37.30 -10.10 5.06
N ALA B 372 -37.48 -11.42 4.96
CA ALA B 372 -36.61 -12.36 4.20
C ALA B 372 -36.90 -12.24 2.70
N PRO B 373 -35.90 -12.40 1.81
CA PRO B 373 -36.11 -12.37 0.36
C PRO B 373 -37.31 -13.21 -0.13
N SER B 374 -38.21 -12.59 -0.91
CA SER B 374 -39.42 -13.22 -1.51
C SER B 374 -39.89 -12.45 -2.75
N LEU C 48 -38.13 3.66 19.31
CA LEU C 48 -37.12 4.64 18.78
C LEU C 48 -37.73 5.47 17.64
N PRO C 49 -37.42 6.78 17.55
CA PRO C 49 -37.85 7.61 16.41
C PRO C 49 -37.37 7.12 15.03
N ARG C 50 -38.18 7.32 13.98
CA ARG C 50 -37.93 6.92 12.57
C ARG C 50 -37.77 8.15 11.67
N VAL C 51 -36.82 8.10 10.74
CA VAL C 51 -36.57 9.15 9.71
C VAL C 51 -36.42 8.45 8.35
N LYS C 52 -36.99 9.02 7.29
CA LYS C 52 -36.80 8.56 5.88
C LYS C 52 -35.85 9.52 5.17
N VAL C 53 -34.83 8.99 4.50
CA VAL C 53 -33.77 9.77 3.78
C VAL C 53 -34.07 9.75 2.28
N ASP C 54 -33.84 10.87 1.59
CA ASP C 54 -33.87 10.98 0.11
C ASP C 54 -32.41 11.00 -0.40
N LEU C 55 -31.98 9.88 -0.98
CA LEU C 55 -30.62 9.70 -1.53
C LEU C 55 -30.45 10.54 -2.81
N VAL C 56 -29.22 10.96 -3.09
CA VAL C 56 -28.85 11.75 -4.30
C VAL C 56 -27.65 11.08 -5.01
N LYS C 57 -27.51 11.39 -6.30
CA LYS C 57 -26.43 10.90 -7.19
C LYS C 57 -25.10 11.42 -6.67
N PRO C 58 -24.07 10.56 -6.50
CA PRO C 58 -22.70 11.03 -6.29
C PRO C 58 -22.31 12.04 -7.37
N PRO C 59 -21.43 13.02 -7.07
CA PRO C 59 -20.67 13.07 -5.83
C PRO C 59 -21.30 13.89 -4.68
N PHE C 60 -22.55 14.33 -4.85
CA PHE C 60 -23.28 15.11 -3.82
C PHE C 60 -23.73 14.13 -2.74
N VAL C 61 -24.08 14.64 -1.57
CA VAL C 61 -24.48 13.83 -0.39
C VAL C 61 -25.81 14.39 0.15
N HIS C 62 -26.73 13.49 0.52
CA HIS C 62 -28.07 13.82 1.06
C HIS C 62 -27.93 14.70 2.30
N ALA C 63 -28.97 15.48 2.59
CA ALA C 63 -29.09 16.38 3.76
C ALA C 63 -28.81 15.57 5.02
N HIS C 64 -28.04 16.14 5.96
CA HIS C 64 -27.61 15.51 7.24
C HIS C 64 -27.06 16.61 8.17
N THR C 65 -26.77 16.29 9.42
CA THR C 65 -26.07 17.18 10.38
C THR C 65 -24.78 16.51 10.85
N GLN C 66 -23.75 17.29 11.15
CA GLN C 66 -22.46 16.76 11.66
C GLN C 66 -22.67 16.25 13.08
N LYS C 67 -23.29 17.06 13.95
CA LYS C 67 -23.74 16.67 15.31
C LYS C 67 -25.16 16.08 15.23
N ALA C 68 -25.44 15.03 16.01
CA ALA C 68 -26.76 14.38 16.11
C ALA C 68 -27.71 15.28 16.90
N GLU C 69 -29.01 15.25 16.59
CA GLU C 69 -30.08 15.94 17.35
C GLU C 69 -31.01 14.90 17.96
N GLY C 70 -31.17 14.91 19.28
CA GLY C 70 -31.85 13.84 20.04
C GLY C 70 -31.01 12.58 20.07
N GLY C 71 -31.59 11.48 20.57
CA GLY C 71 -30.92 10.19 20.78
C GLY C 71 -31.02 9.29 19.54
N PRO C 72 -30.53 8.04 19.62
CA PRO C 72 -30.49 7.13 18.47
C PRO C 72 -31.80 7.08 17.68
N LYS C 73 -31.69 6.89 16.37
CA LYS C 73 -32.82 6.76 15.41
C LYS C 73 -32.68 5.46 14.59
N VAL C 74 -33.81 4.95 14.11
CA VAL C 74 -33.90 4.02 12.96
C VAL C 74 -33.98 4.88 11.70
N VAL C 75 -32.96 4.84 10.84
CA VAL C 75 -32.88 5.66 9.59
C VAL C 75 -33.19 4.74 8.40
N GLU C 76 -34.20 5.10 7.59
CA GLU C 76 -34.75 4.24 6.51
C GLU C 76 -34.18 4.69 5.17
N PHE C 77 -33.64 3.74 4.41
CA PHE C 77 -33.12 3.93 3.04
C PHE C 77 -33.72 2.84 2.14
N THR C 78 -33.83 3.15 0.85
CA THR C 78 -34.28 2.24 -0.23
C THR C 78 -33.26 2.32 -1.37
N LEU C 79 -32.77 1.16 -1.81
CA LEU C 79 -31.93 1.03 -3.03
C LEU C 79 -32.64 0.09 -4.03
N THR C 80 -32.72 0.51 -5.30
CA THR C 80 -33.30 -0.27 -6.42
C THR C 80 -32.15 -0.71 -7.34
N ILE C 81 -31.90 -2.02 -7.43
CA ILE C 81 -30.83 -2.59 -8.30
C ILE C 81 -31.18 -2.27 -9.75
N GLU C 82 -30.19 -1.92 -10.56
CA GLU C 82 -30.37 -1.60 -11.99
C GLU C 82 -29.14 -2.07 -12.77
N GLU C 83 -29.32 -3.11 -13.59
CA GLU C 83 -28.37 -3.58 -14.63
C GLU C 83 -28.65 -2.76 -15.90
N LYS C 84 -27.63 -2.09 -16.44
CA LYS C 84 -27.80 -1.32 -17.72
C LYS C 84 -26.44 -1.07 -18.38
N LYS C 85 -26.49 -0.76 -19.68
CA LYS C 85 -25.35 -0.30 -20.52
C LYS C 85 -24.99 1.14 -20.14
N ILE C 86 -23.71 1.41 -19.87
CA ILE C 86 -23.15 2.79 -19.67
C ILE C 86 -21.93 2.95 -20.59
N VAL C 87 -21.63 4.19 -20.99
CA VAL C 87 -20.41 4.54 -21.76
C VAL C 87 -19.39 5.08 -20.75
N ILE C 88 -18.12 4.69 -20.85
CA ILE C 88 -17.12 4.90 -19.77
C ILE C 88 -15.92 5.74 -20.25
N ASP C 89 -15.84 6.08 -21.54
CA ASP C 89 -14.71 6.84 -22.13
C ASP C 89 -15.17 7.55 -23.41
N GLU C 90 -14.29 8.32 -24.05
CA GLU C 90 -14.61 9.27 -25.16
C GLU C 90 -14.53 8.59 -26.53
N GLN C 91 -14.13 7.32 -26.59
CA GLN C 91 -14.14 6.47 -27.81
C GLN C 91 -15.45 5.66 -27.83
N GLY C 92 -16.33 5.87 -26.85
CA GLY C 92 -17.66 5.25 -26.78
C GLY C 92 -17.62 3.78 -26.38
N THR C 93 -16.69 3.40 -25.48
CA THR C 93 -16.59 2.00 -24.96
C THR C 93 -17.80 1.72 -24.07
N GLU C 94 -18.44 0.56 -24.26
CA GLU C 94 -19.65 0.16 -23.51
C GLU C 94 -19.35 -1.00 -22.56
N LEU C 95 -20.18 -1.12 -21.51
CA LEU C 95 -20.02 -2.05 -20.37
C LEU C 95 -21.42 -2.27 -19.75
N HIS C 96 -21.84 -3.52 -19.54
CA HIS C 96 -23.09 -3.87 -18.82
C HIS C 96 -22.87 -3.68 -17.32
N ALA C 97 -23.07 -2.46 -16.82
CA ALA C 97 -22.84 -2.12 -15.39
C ALA C 97 -23.93 -2.78 -14.55
N MET C 98 -23.60 -3.03 -13.28
CA MET C 98 -24.55 -3.50 -12.23
C MET C 98 -24.49 -2.49 -11.08
N THR C 99 -25.60 -1.79 -10.80
CA THR C 99 -25.62 -0.57 -9.95
C THR C 99 -26.68 -0.68 -8.86
N PHE C 100 -26.42 0.02 -7.75
CA PHE C 100 -27.42 0.40 -6.72
C PHE C 100 -27.94 1.80 -7.11
N ASN C 101 -29.26 1.93 -7.33
CA ASN C 101 -29.98 3.19 -7.70
C ASN C 101 -29.49 3.75 -9.03
N GLY C 102 -28.85 2.94 -9.88
CA GLY C 102 -28.53 3.37 -11.26
C GLY C 102 -27.34 4.31 -11.37
N SER C 103 -26.45 4.39 -10.37
CA SER C 103 -25.16 5.15 -10.45
C SER C 103 -23.95 4.28 -10.12
N VAL C 104 -22.79 4.65 -10.68
CA VAL C 104 -21.46 4.13 -10.27
C VAL C 104 -20.64 5.30 -9.72
N PRO C 105 -20.32 5.33 -8.40
CA PRO C 105 -20.73 4.30 -7.45
C PRO C 105 -22.18 4.47 -6.95
N GLY C 106 -22.63 3.57 -6.07
CA GLY C 106 -23.89 3.74 -5.32
C GLY C 106 -23.86 5.03 -4.51
N PRO C 107 -25.03 5.53 -4.02
CA PRO C 107 -25.05 6.77 -3.26
C PRO C 107 -24.42 6.61 -1.88
N LEU C 108 -23.86 7.69 -1.34
CA LEU C 108 -23.36 7.74 0.06
C LEU C 108 -24.55 7.79 1.01
N MET C 109 -24.61 6.88 1.98
CA MET C 109 -25.59 6.87 3.10
C MET C 109 -24.93 7.52 4.32
N VAL C 110 -25.66 8.37 5.08
CA VAL C 110 -25.12 9.13 6.24
C VAL C 110 -25.99 8.91 7.47
N VAL C 111 -25.39 8.39 8.54
CA VAL C 111 -25.98 8.19 9.89
C VAL C 111 -24.95 8.59 10.95
N HIS C 112 -25.34 8.56 12.23
CA HIS C 112 -24.46 8.84 13.41
C HIS C 112 -24.28 7.53 14.19
N GLN C 113 -23.19 7.42 14.94
CA GLN C 113 -22.82 6.20 15.70
C GLN C 113 -23.97 5.79 16.64
N ASP C 114 -24.36 4.51 16.58
CA ASP C 114 -25.36 3.86 17.48
C ASP C 114 -26.80 4.11 16.98
N ASP C 115 -26.99 4.85 15.87
CA ASP C 115 -28.25 4.79 15.08
C ASP C 115 -28.38 3.37 14.49
N TYR C 116 -29.56 3.01 14.01
CA TYR C 116 -29.82 1.75 13.28
C TYR C 116 -30.11 2.10 11.83
N VAL C 117 -29.61 1.30 10.89
CA VAL C 117 -29.88 1.42 9.42
C VAL C 117 -30.93 0.37 9.05
N GLU C 118 -32.04 0.79 8.44
CA GLU C 118 -33.06 -0.16 7.89
C GLU C 118 -33.09 0.03 6.37
N LEU C 119 -32.67 -0.99 5.63
CA LEU C 119 -32.40 -0.93 4.16
C LEU C 119 -33.43 -1.83 3.45
N THR C 120 -34.19 -1.24 2.53
CA THR C 120 -35.11 -1.98 1.63
C THR C 120 -34.33 -2.18 0.32
N LEU C 121 -34.02 -3.43 -0.04
CA LEU C 121 -33.26 -3.74 -1.28
C LEU C 121 -34.20 -4.38 -2.29
N ILE C 122 -34.41 -3.72 -3.42
CA ILE C 122 -35.40 -4.09 -4.45
C ILE C 122 -34.60 -4.53 -5.69
N ASN C 123 -34.87 -5.75 -6.16
CA ASN C 123 -34.36 -6.32 -7.44
C ASN C 123 -35.54 -6.50 -8.40
N PRO C 124 -35.84 -5.53 -9.27
CA PRO C 124 -37.00 -5.63 -10.18
C PRO C 124 -36.93 -6.85 -11.11
N ASP C 125 -38.05 -7.19 -11.75
CA ASP C 125 -38.19 -8.38 -12.64
C ASP C 125 -37.58 -8.12 -14.02
N THR C 126 -37.06 -6.92 -14.27
CA THR C 126 -36.37 -6.51 -15.53
C THR C 126 -34.87 -6.84 -15.49
N ASN C 127 -34.31 -7.09 -14.31
CA ASN C 127 -32.90 -7.54 -14.13
C ASN C 127 -32.87 -9.07 -14.37
N THR C 128 -31.75 -9.58 -14.90
CA THR C 128 -31.56 -11.03 -15.22
C THR C 128 -30.82 -11.77 -14.08
N LEU C 129 -30.16 -11.07 -13.14
CA LEU C 129 -29.19 -11.69 -12.19
C LEU C 129 -29.64 -11.60 -10.73
N GLN C 130 -29.08 -12.51 -9.92
CA GLN C 130 -29.17 -12.58 -8.45
C GLN C 130 -28.22 -11.56 -7.83
N HIS C 131 -28.64 -10.87 -6.77
CA HIS C 131 -27.88 -9.78 -6.09
C HIS C 131 -28.12 -9.82 -4.57
N ASN C 132 -27.40 -8.97 -3.84
CA ASN C 132 -27.44 -8.83 -2.35
C ASN C 132 -26.60 -7.62 -1.96
N ILE C 133 -26.40 -7.40 -0.66
CA ILE C 133 -25.54 -6.29 -0.16
C ILE C 133 -24.78 -6.75 1.09
N ASP C 134 -23.50 -6.38 1.17
CA ASP C 134 -22.57 -6.61 2.31
C ASP C 134 -22.14 -5.21 2.78
N PHE C 135 -22.39 -4.87 4.05
CA PHE C 135 -21.97 -3.58 4.69
C PHE C 135 -20.76 -3.82 5.61
N HIS C 136 -19.62 -3.20 5.33
CA HIS C 136 -18.38 -3.27 6.16
C HIS C 136 -18.66 -2.64 7.54
N SER C 137 -19.67 -1.75 7.62
CA SER C 137 -20.11 -1.07 8.87
C SER C 137 -20.89 -2.01 9.81
N ALA C 138 -21.33 -3.18 9.34
CA ALA C 138 -22.26 -4.09 10.05
C ALA C 138 -21.51 -5.28 10.64
N THR C 139 -22.08 -5.95 11.65
CA THR C 139 -21.54 -7.15 12.33
C THR C 139 -22.50 -8.33 12.14
N GLY C 140 -22.05 -9.36 11.41
CA GLY C 140 -22.73 -10.66 11.26
C GLY C 140 -23.06 -10.99 9.81
N ALA C 141 -23.32 -12.27 9.54
CA ALA C 141 -23.95 -12.75 8.29
C ALA C 141 -23.30 -12.10 7.06
N LEU C 142 -21.95 -12.14 7.02
CA LEU C 142 -21.15 -11.62 5.88
C LEU C 142 -21.53 -10.17 5.58
N GLY C 143 -21.76 -9.35 6.61
CA GLY C 143 -22.13 -7.92 6.50
C GLY C 143 -23.56 -7.69 6.01
N GLY C 144 -24.42 -8.73 6.04
CA GLY C 144 -25.78 -8.71 5.47
C GLY C 144 -25.94 -9.62 4.27
N GLY C 145 -24.82 -9.97 3.61
CA GLY C 145 -24.78 -10.74 2.36
C GLY C 145 -25.70 -11.95 2.39
N ALA C 146 -25.72 -12.68 3.50
CA ALA C 146 -26.40 -13.99 3.66
C ALA C 146 -27.87 -13.83 4.06
N LEU C 147 -28.39 -12.60 4.19
CA LEU C 147 -29.82 -12.37 4.59
C LEU C 147 -30.54 -11.54 3.52
N THR C 148 -29.86 -11.19 2.43
CA THR C 148 -30.34 -10.20 1.44
C THR C 148 -30.21 -10.76 0.01
N VAL C 149 -30.15 -12.08 -0.17
CA VAL C 149 -30.05 -12.70 -1.52
C VAL C 149 -31.41 -12.58 -2.20
N VAL C 150 -31.52 -11.66 -3.17
CA VAL C 150 -32.76 -11.29 -3.90
C VAL C 150 -32.58 -11.66 -5.38
N ASN C 151 -33.47 -12.50 -5.92
CA ASN C 151 -33.57 -12.83 -7.36
C ASN C 151 -34.46 -11.78 -8.04
N PRO C 152 -34.44 -11.65 -9.38
CA PRO C 152 -35.34 -10.71 -10.06
C PRO C 152 -36.80 -10.87 -9.60
N GLY C 153 -37.41 -9.77 -9.14
CA GLY C 153 -38.80 -9.72 -8.64
C GLY C 153 -38.89 -9.70 -7.12
N ASP C 154 -37.77 -9.97 -6.43
CA ASP C 154 -37.71 -10.12 -4.95
C ASP C 154 -37.41 -8.77 -4.29
N THR C 155 -37.80 -8.65 -3.02
CA THR C 155 -37.53 -7.52 -2.10
C THR C 155 -37.09 -8.10 -0.74
N THR C 156 -36.19 -7.41 -0.04
CA THR C 156 -35.70 -7.79 1.32
C THR C 156 -35.51 -6.51 2.14
N VAL C 157 -35.63 -6.63 3.47
CA VAL C 157 -35.35 -5.54 4.45
C VAL C 157 -34.30 -6.05 5.45
N LEU C 158 -33.18 -5.33 5.56
CA LEU C 158 -32.10 -5.58 6.55
C LEU C 158 -32.08 -4.43 7.56
N ARG C 159 -31.96 -4.72 8.86
CA ARG C 159 -31.65 -3.73 9.91
C ARG C 159 -30.35 -4.14 10.62
N PHE C 160 -29.44 -3.18 10.82
CA PHE C 160 -28.18 -3.38 11.58
C PHE C 160 -27.88 -2.12 12.41
N LYS C 161 -27.25 -2.31 13.57
CA LYS C 161 -26.78 -1.18 14.43
C LYS C 161 -25.43 -0.70 13.89
N ALA C 162 -25.28 0.61 13.73
CA ALA C 162 -24.02 1.25 13.29
C ALA C 162 -23.15 1.55 14.54
N SER C 163 -22.50 0.52 15.09
CA SER C 163 -21.80 0.57 16.40
C SER C 163 -20.50 1.36 16.31
N LYS C 164 -19.87 1.40 15.12
CA LYS C 164 -18.48 1.92 14.94
C LYS C 164 -18.50 3.11 13.98
N ALA C 165 -17.82 4.19 14.37
CA ALA C 165 -17.71 5.45 13.61
C ALA C 165 -16.68 5.32 12.48
N GLY C 166 -16.89 6.03 11.37
CA GLY C 166 -16.02 6.04 10.19
C GLY C 166 -16.79 6.04 8.88
N VAL C 167 -16.07 5.98 7.77
CA VAL C 167 -16.61 5.70 6.41
C VAL C 167 -16.31 4.23 6.12
N PHE C 168 -17.22 3.53 5.44
CA PHE C 168 -17.11 2.07 5.16
C PHE C 168 -17.61 1.81 3.74
N VAL C 169 -17.03 0.80 3.07
CA VAL C 169 -17.51 0.28 1.76
C VAL C 169 -18.79 -0.53 1.99
N TYR C 170 -19.79 -0.41 1.11
CA TYR C 170 -20.85 -1.43 0.90
C TYR C 170 -20.70 -1.96 -0.53
N HIS C 171 -20.97 -3.26 -0.74
CA HIS C 171 -20.87 -3.89 -2.09
C HIS C 171 -21.74 -5.14 -2.18
N CYS C 172 -22.06 -5.53 -3.41
CA CYS C 172 -22.74 -6.80 -3.74
C CYS C 172 -21.74 -7.95 -3.58
N ALA C 173 -22.20 -9.15 -3.21
CA ALA C 173 -21.34 -10.33 -2.95
C ALA C 173 -22.13 -11.62 -3.14
N PRO C 174 -22.62 -11.92 -4.37
CA PRO C 174 -23.41 -13.10 -4.60
C PRO C 174 -22.49 -14.32 -4.67
N PRO C 175 -22.76 -15.38 -3.89
CA PRO C 175 -21.96 -16.61 -3.90
C PRO C 175 -21.49 -17.01 -5.30
N GLY C 176 -20.16 -17.08 -5.51
CA GLY C 176 -19.52 -17.56 -6.75
C GLY C 176 -19.39 -16.48 -7.83
N MET C 177 -19.90 -15.28 -7.61
CA MET C 177 -19.91 -14.19 -8.64
C MET C 177 -19.41 -12.87 -8.03
N VAL C 178 -18.67 -12.90 -6.91
CA VAL C 178 -18.40 -11.71 -6.05
C VAL C 178 -17.57 -10.67 -6.82
N PRO C 179 -16.37 -10.98 -7.34
CA PRO C 179 -15.55 -9.92 -7.93
C PRO C 179 -16.18 -9.41 -9.24
N TRP C 180 -16.98 -10.23 -9.93
CA TRP C 180 -17.59 -9.84 -11.23
C TRP C 180 -18.57 -8.68 -10.97
N HIS C 181 -19.43 -8.81 -9.97
CA HIS C 181 -20.44 -7.78 -9.61
C HIS C 181 -19.74 -6.51 -9.09
N VAL C 182 -18.73 -6.66 -8.25
CA VAL C 182 -18.06 -5.50 -7.59
C VAL C 182 -17.27 -4.71 -8.64
N THR C 183 -16.62 -5.36 -9.61
CA THR C 183 -15.82 -4.67 -10.67
C THR C 183 -16.71 -4.31 -11.86
N SER C 184 -18.03 -4.51 -11.75
CA SER C 184 -19.07 -4.02 -12.69
C SER C 184 -19.74 -2.76 -12.14
N GLY C 185 -19.30 -2.26 -10.98
CA GLY C 185 -19.68 -0.95 -10.40
C GLY C 185 -20.63 -1.06 -9.21
N MET C 186 -20.94 -2.27 -8.75
CA MET C 186 -22.01 -2.52 -7.74
C MET C 186 -21.42 -2.35 -6.34
N ASN C 187 -21.08 -1.11 -5.99
CA ASN C 187 -20.47 -0.77 -4.67
C ASN C 187 -20.67 0.73 -4.40
N GLY C 188 -20.70 1.08 -3.11
CA GLY C 188 -20.83 2.46 -2.62
C GLY C 188 -20.14 2.62 -1.28
N ALA C 189 -20.66 3.50 -0.42
CA ALA C 189 -20.08 3.76 0.91
C ALA C 189 -21.11 4.35 1.87
N ILE C 190 -20.85 4.20 3.15
CA ILE C 190 -21.70 4.72 4.26
C ILE C 190 -20.79 5.48 5.22
N MET C 191 -21.21 6.70 5.60
CA MET C 191 -20.50 7.54 6.59
C MET C 191 -21.29 7.51 7.90
N VAL C 192 -20.69 6.88 8.93
CA VAL C 192 -21.19 6.81 10.33
C VAL C 192 -20.40 7.86 11.13
N LEU C 193 -20.95 9.08 11.25
CA LEU C 193 -20.31 10.21 12.00
C LEU C 193 -20.38 9.93 13.49
N PRO C 194 -19.42 10.42 14.31
CA PRO C 194 -19.55 10.42 15.77
C PRO C 194 -20.70 11.33 16.22
N ARG C 195 -21.40 10.97 17.30
CA ARG C 195 -22.61 11.73 17.76
C ARG C 195 -22.29 13.22 17.86
N GLU C 196 -21.07 13.56 18.29
CA GLU C 196 -20.64 14.97 18.53
C GLU C 196 -19.81 15.49 17.34
N GLY C 197 -19.99 14.95 16.14
CA GLY C 197 -19.27 15.42 14.94
C GLY C 197 -17.78 15.10 14.98
N LEU C 198 -17.02 15.73 14.08
CA LEU C 198 -15.58 15.43 13.84
C LEU C 198 -14.69 16.24 14.79
N THR C 199 -13.54 15.66 15.16
CA THR C 199 -12.46 16.29 15.95
C THR C 199 -11.12 16.09 15.22
N ASP C 200 -10.07 16.72 15.73
CA ASP C 200 -8.68 16.71 15.20
C ASP C 200 -7.85 15.68 15.98
N GLY C 201 -8.51 14.86 16.80
CA GLY C 201 -7.91 13.88 17.72
C GLY C 201 -7.10 14.51 18.85
N LYS C 202 -7.37 15.77 19.19
CA LYS C 202 -6.64 16.55 20.24
C LYS C 202 -7.64 17.36 21.08
N GLY C 203 -8.90 16.93 21.10
CA GLY C 203 -9.97 17.54 21.91
C GLY C 203 -10.77 18.59 21.14
N ASN C 204 -10.33 19.05 19.98
CA ASN C 204 -10.91 20.24 19.28
C ASN C 204 -11.81 19.80 18.13
N SER C 205 -13.12 20.08 18.25
CA SER C 205 -14.16 19.97 17.19
C SER C 205 -13.72 20.67 15.91
N ILE C 206 -14.00 20.07 14.75
CA ILE C 206 -13.76 20.65 13.39
C ILE C 206 -15.04 20.44 12.56
N THR C 207 -15.34 21.39 11.69
CA THR C 207 -16.65 21.51 11.01
C THR C 207 -16.38 21.74 9.51
N TYR C 208 -16.93 20.89 8.64
CA TYR C 208 -16.79 21.07 7.17
C TYR C 208 -17.98 21.91 6.66
N ASP C 209 -17.78 22.66 5.57
CA ASP C 209 -18.82 23.47 4.90
C ASP C 209 -19.56 22.59 3.88
N LYS C 210 -18.87 21.61 3.29
CA LYS C 210 -19.35 20.77 2.15
C LYS C 210 -18.65 19.40 2.20
N VAL C 211 -19.35 18.31 1.86
CA VAL C 211 -18.74 16.95 1.72
C VAL C 211 -19.00 16.42 0.30
N TYR C 212 -17.98 15.88 -0.37
CA TYR C 212 -18.07 15.21 -1.70
C TYR C 212 -17.72 13.71 -1.55
N TYR C 213 -18.46 12.85 -2.25
CA TYR C 213 -18.14 11.40 -2.36
C TYR C 213 -17.56 11.09 -3.74
N VAL C 214 -16.31 10.60 -3.76
CA VAL C 214 -15.59 10.12 -4.97
C VAL C 214 -15.47 8.60 -4.90
N GLY C 215 -16.15 7.87 -5.80
CA GLY C 215 -16.03 6.41 -5.96
C GLY C 215 -15.07 6.05 -7.08
N GLU C 216 -14.00 5.30 -6.76
CA GLU C 216 -12.99 4.88 -7.76
C GLU C 216 -13.33 3.45 -8.19
N GLN C 217 -13.55 3.27 -9.48
CA GLN C 217 -13.97 1.98 -10.06
C GLN C 217 -12.90 1.48 -11.04
N ASP C 218 -12.41 0.26 -10.82
CA ASP C 218 -11.55 -0.50 -11.78
C ASP C 218 -12.47 -1.39 -12.63
N PHE C 219 -12.43 -1.21 -13.96
CA PHE C 219 -13.24 -1.97 -14.96
C PHE C 219 -12.30 -2.86 -15.80
N TYR C 220 -12.82 -4.00 -16.26
CA TYR C 220 -12.04 -5.07 -16.94
C TYR C 220 -12.73 -5.45 -18.26
N VAL C 221 -12.62 -4.60 -19.29
CA VAL C 221 -13.36 -4.75 -20.59
C VAL C 221 -12.51 -5.55 -21.58
N PRO C 222 -13.03 -6.69 -22.08
CA PRO C 222 -12.33 -7.51 -23.08
C PRO C 222 -12.13 -6.85 -24.45
N ARG C 223 -11.09 -7.27 -25.15
CA ARG C 223 -10.76 -6.84 -26.54
C ARG C 223 -10.82 -8.03 -27.50
N ASP C 224 -11.01 -7.75 -28.81
CA ASP C 224 -10.88 -8.74 -29.92
C ASP C 224 -9.39 -8.84 -30.27
N ALA C 225 -9.05 -9.43 -31.42
CA ALA C 225 -7.66 -9.63 -31.87
C ALA C 225 -7.07 -8.33 -32.46
N ASN C 226 -7.91 -7.32 -32.76
CA ASN C 226 -7.49 -5.99 -33.29
C ASN C 226 -7.00 -5.08 -32.16
N GLY C 227 -7.54 -5.28 -30.95
CA GLY C 227 -7.33 -4.38 -29.79
C GLY C 227 -8.46 -3.38 -29.63
N LYS C 228 -9.62 -3.62 -30.27
CA LYS C 228 -10.89 -2.87 -30.06
C LYS C 228 -11.66 -3.51 -28.90
N PHE C 229 -12.35 -2.69 -28.10
CA PHE C 229 -13.22 -3.17 -26.99
C PHE C 229 -14.46 -3.83 -27.60
N LYS C 230 -14.88 -4.98 -27.04
CA LYS C 230 -16.05 -5.77 -27.51
C LYS C 230 -17.31 -5.23 -26.84
N LYS C 231 -18.43 -5.27 -27.56
CA LYS C 231 -19.81 -5.05 -27.02
C LYS C 231 -20.51 -6.41 -26.98
N TYR C 232 -21.51 -6.57 -26.11
CA TYR C 232 -22.28 -7.83 -25.96
C TYR C 232 -23.78 -7.48 -25.91
N GLU C 233 -24.64 -8.33 -26.47
CA GLU C 233 -26.12 -8.13 -26.55
C GLU C 233 -26.73 -8.23 -25.13
N SER C 234 -26.30 -9.20 -24.32
CA SER C 234 -26.75 -9.40 -22.92
C SER C 234 -25.54 -9.34 -21.96
N VAL C 235 -25.82 -9.19 -20.66
CA VAL C 235 -24.80 -9.18 -19.56
C VAL C 235 -24.18 -10.58 -19.40
N GLY C 236 -25.00 -11.63 -19.45
CA GLY C 236 -24.59 -13.04 -19.29
C GLY C 236 -23.49 -13.42 -20.27
N GLU C 237 -23.51 -12.86 -21.49
CA GLU C 237 -22.59 -13.23 -22.59
C GLU C 237 -21.19 -12.62 -22.39
N ALA C 238 -21.04 -11.68 -21.45
CA ALA C 238 -19.79 -10.93 -21.22
C ALA C 238 -18.86 -11.65 -20.22
N TYR C 239 -19.40 -12.59 -19.43
CA TYR C 239 -18.78 -13.23 -18.23
C TYR C 239 -17.44 -13.90 -18.60
N ALA C 240 -17.47 -14.93 -19.42
CA ALA C 240 -16.30 -15.76 -19.82
C ALA C 240 -15.11 -14.85 -20.15
N ASP C 241 -15.30 -13.92 -21.11
CA ASP C 241 -14.27 -12.97 -21.60
C ASP C 241 -13.82 -12.02 -20.47
N THR C 242 -14.76 -11.58 -19.62
CA THR C 242 -14.48 -10.63 -18.51
C THR C 242 -13.62 -11.33 -17.45
N LEU C 243 -13.92 -12.60 -17.16
CA LEU C 243 -13.19 -13.40 -16.15
C LEU C 243 -11.73 -13.59 -16.59
N GLU C 244 -11.44 -13.64 -17.90
CA GLU C 244 -10.07 -13.78 -18.46
C GLU C 244 -9.27 -12.49 -18.27
N VAL C 245 -9.90 -11.31 -18.38
CA VAL C 245 -9.17 -10.01 -18.24
C VAL C 245 -8.88 -9.77 -16.75
N MET C 246 -9.84 -10.08 -15.85
CA MET C 246 -9.70 -9.98 -14.38
C MET C 246 -8.51 -10.83 -13.89
N ARG C 247 -8.32 -12.03 -14.47
CA ARG C 247 -7.25 -13.02 -14.12
C ARG C 247 -5.86 -12.37 -14.28
N THR C 248 -5.74 -11.33 -15.12
CA THR C 248 -4.47 -10.61 -15.43
C THR C 248 -4.20 -9.48 -14.43
N LEU C 249 -5.18 -9.11 -13.59
CA LEU C 249 -5.10 -8.04 -12.55
C LEU C 249 -4.78 -6.67 -13.15
N THR C 250 -4.98 -6.48 -14.46
CA THR C 250 -4.71 -5.20 -15.17
C THR C 250 -6.05 -4.67 -15.68
N PRO C 251 -6.60 -3.61 -15.05
CA PRO C 251 -7.79 -2.94 -15.55
C PRO C 251 -7.55 -2.29 -16.92
N SER C 252 -8.56 -2.32 -17.80
CA SER C 252 -8.66 -1.51 -19.04
C SER C 252 -8.90 -0.03 -18.70
N HIS C 253 -9.72 0.26 -17.68
CA HIS C 253 -10.08 1.63 -17.24
C HIS C 253 -10.09 1.70 -15.70
N ILE C 254 -9.70 2.85 -15.14
CA ILE C 254 -9.90 3.26 -13.72
C ILE C 254 -10.49 4.68 -13.71
N VAL C 255 -11.70 4.83 -13.17
CA VAL C 255 -12.52 6.07 -13.30
C VAL C 255 -13.09 6.51 -11.95
N PHE C 256 -13.36 7.81 -11.83
CA PHE C 256 -14.16 8.43 -10.75
C PHE C 256 -15.59 8.63 -11.26
N ASN C 257 -16.60 8.22 -10.49
CA ASN C 257 -18.03 8.52 -10.72
C ASN C 257 -18.52 7.97 -12.08
N GLY C 258 -17.93 6.87 -12.57
CA GLY C 258 -18.50 5.98 -13.60
C GLY C 258 -17.90 6.12 -14.99
N ALA C 259 -17.09 7.15 -15.26
CA ALA C 259 -16.49 7.38 -16.59
C ALA C 259 -15.29 8.33 -16.52
N VAL C 260 -14.37 8.22 -17.49
CA VAL C 260 -13.29 9.22 -17.77
C VAL C 260 -13.97 10.56 -17.97
N GLY C 261 -13.50 11.61 -17.31
CA GLY C 261 -14.02 12.98 -17.47
C GLY C 261 -15.32 13.23 -16.70
N ALA C 262 -15.83 12.28 -15.91
CA ALA C 262 -17.12 12.40 -15.19
C ALA C 262 -17.12 13.62 -14.25
N LEU C 263 -15.98 13.97 -13.64
CA LEU C 263 -15.87 15.09 -12.67
C LEU C 263 -14.93 16.17 -13.22
N THR C 264 -15.11 16.57 -14.49
CA THR C 264 -14.34 17.66 -15.16
C THR C 264 -15.31 18.51 -16.01
N GLY C 265 -14.90 19.75 -16.34
CA GLY C 265 -15.70 20.73 -17.10
C GLY C 265 -16.91 21.17 -16.31
N ASP C 266 -18.11 21.06 -16.89
CA ASP C 266 -19.41 21.37 -16.24
C ASP C 266 -19.50 20.67 -14.87
N SER C 267 -18.95 19.46 -14.74
CA SER C 267 -19.15 18.57 -13.56
C SER C 267 -17.97 18.62 -12.59
N ALA C 268 -17.07 19.60 -12.73
CA ALA C 268 -16.02 19.90 -11.72
C ALA C 268 -16.69 20.07 -10.35
N LEU C 269 -15.94 19.83 -9.28
CA LEU C 269 -16.36 20.05 -7.88
C LEU C 269 -16.08 21.52 -7.53
N LYS C 270 -17.09 22.24 -7.03
CA LYS C 270 -17.00 23.69 -6.73
C LYS C 270 -16.54 23.92 -5.28
N ALA C 271 -15.62 24.86 -5.08
CA ALA C 271 -15.20 25.38 -3.75
C ALA C 271 -14.76 26.84 -3.86
N ALA C 272 -14.36 27.43 -2.72
CA ALA C 272 -13.96 28.85 -2.57
C ALA C 272 -12.83 28.98 -1.54
N VAL C 273 -11.93 29.96 -1.70
CA VAL C 273 -10.87 30.27 -0.70
C VAL C 273 -11.57 30.46 0.65
N GLY C 274 -11.13 29.72 1.68
CA GLY C 274 -11.64 29.82 3.06
C GLY C 274 -12.67 28.76 3.40
N GLU C 275 -13.15 28.01 2.40
CA GLU C 275 -14.15 26.92 2.53
C GLU C 275 -13.46 25.63 2.99
N LYS C 276 -14.02 25.00 4.03
CA LYS C 276 -13.56 23.71 4.58
C LYS C 276 -14.36 22.59 3.88
N VAL C 277 -13.67 21.62 3.28
CA VAL C 277 -14.27 20.56 2.42
C VAL C 277 -13.79 19.17 2.87
N LEU C 278 -14.73 18.24 3.09
CA LEU C 278 -14.44 16.81 3.34
C LEU C 278 -14.59 16.01 2.03
N ILE C 279 -13.53 15.27 1.67
CA ILE C 279 -13.50 14.36 0.49
C ILE C 279 -13.46 12.92 1.00
N VAL C 280 -14.61 12.23 0.91
CA VAL C 280 -14.74 10.77 1.12
C VAL C 280 -14.34 10.08 -0.20
N HIS C 281 -13.54 9.03 -0.14
CA HIS C 281 -12.99 8.30 -1.31
C HIS C 281 -13.05 6.80 -1.00
N SER C 282 -13.62 6.00 -1.90
CA SER C 282 -13.83 4.55 -1.68
C SER C 282 -13.25 3.78 -2.85
N GLN C 283 -12.78 2.56 -2.58
CA GLN C 283 -12.33 1.61 -3.63
C GLN C 283 -12.63 0.21 -3.11
N ALA C 284 -13.63 -0.45 -3.68
CA ALA C 284 -14.12 -1.76 -3.21
C ALA C 284 -13.08 -2.86 -3.45
N ASN C 285 -12.14 -2.71 -4.41
CA ASN C 285 -11.38 -3.87 -4.97
C ASN C 285 -9.86 -3.61 -5.14
N ARG C 286 -9.40 -2.38 -5.29
CA ARG C 286 -8.01 -2.13 -5.74
C ARG C 286 -7.42 -0.90 -5.03
N ASP C 287 -6.14 -0.97 -4.65
CA ASP C 287 -5.43 0.12 -3.93
C ASP C 287 -5.48 1.41 -4.75
N THR C 288 -5.53 2.56 -4.07
CA THR C 288 -5.43 3.91 -4.67
C THR C 288 -4.67 4.85 -3.71
N ARG C 289 -4.14 5.95 -4.25
CA ARG C 289 -3.27 6.93 -3.55
C ARG C 289 -3.68 8.35 -3.94
N PRO C 290 -4.79 8.89 -3.37
CA PRO C 290 -5.24 10.24 -3.73
C PRO C 290 -4.23 11.35 -3.39
N HIS C 291 -4.18 12.34 -4.28
CA HIS C 291 -3.40 13.60 -4.16
C HIS C 291 -4.24 14.73 -4.75
N LEU C 292 -4.29 15.87 -4.06
CA LEU C 292 -4.90 17.14 -4.55
C LEU C 292 -3.78 18.04 -5.10
N ILE C 293 -3.70 18.20 -6.43
CA ILE C 293 -2.59 18.92 -7.13
C ILE C 293 -2.73 20.42 -6.80
N GLY C 294 -1.77 20.96 -6.05
CA GLY C 294 -1.76 22.35 -5.55
C GLY C 294 -2.32 22.45 -4.12
N GLY C 295 -2.72 21.32 -3.53
CA GLY C 295 -3.31 21.27 -2.18
C GLY C 295 -2.58 20.28 -1.28
N HIS C 296 -3.21 19.94 -0.16
CA HIS C 296 -2.79 18.92 0.82
C HIS C 296 -4.03 18.27 1.43
N GLY C 297 -3.82 17.33 2.35
CA GLY C 297 -4.78 16.90 3.37
C GLY C 297 -4.38 17.43 4.74
N ASP C 298 -5.09 18.44 5.25
CA ASP C 298 -4.80 19.07 6.57
C ASP C 298 -5.08 18.05 7.69
N TYR C 299 -6.20 17.32 7.59
CA TYR C 299 -6.57 16.17 8.46
C TYR C 299 -6.99 15.00 7.56
N VAL C 300 -6.35 13.84 7.71
CA VAL C 300 -6.59 12.64 6.84
C VAL C 300 -6.73 11.40 7.72
N TRP C 301 -7.81 10.65 7.48
CA TRP C 301 -8.10 9.31 8.04
C TRP C 301 -7.95 8.29 6.90
N ALA C 302 -6.72 7.86 6.62
CA ALA C 302 -6.39 7.01 5.45
C ALA C 302 -7.12 5.67 5.53
N THR C 303 -7.26 5.10 6.73
CA THR C 303 -7.98 3.83 7.03
C THR C 303 -9.49 4.08 7.17
N GLY C 304 -9.89 5.34 7.42
CA GLY C 304 -11.28 5.83 7.37
C GLY C 304 -12.07 5.70 8.68
N LYS C 305 -11.43 5.51 9.83
CA LYS C 305 -12.11 5.24 11.14
C LYS C 305 -11.76 6.35 12.15
N PHE C 306 -12.76 7.17 12.52
CA PHE C 306 -12.59 8.53 13.09
C PHE C 306 -12.18 8.51 14.57
N ARG C 307 -12.36 7.40 15.29
CA ARG C 307 -11.87 7.24 16.69
C ARG C 307 -10.33 7.25 16.72
N ASN C 308 -9.66 6.97 15.59
CA ASN C 308 -8.18 7.08 15.42
C ASN C 308 -7.82 8.54 15.13
N ALA C 309 -6.68 8.98 15.65
CA ALA C 309 -6.16 10.35 15.42
C ALA C 309 -5.73 10.48 13.95
N PRO C 310 -6.17 11.53 13.24
CA PRO C 310 -5.78 11.72 11.84
C PRO C 310 -4.29 12.06 11.66
N ASP C 311 -3.73 11.74 10.47
CA ASP C 311 -2.44 12.27 9.96
C ASP C 311 -2.69 13.71 9.50
N VAL C 312 -1.68 14.59 9.63
CA VAL C 312 -1.78 16.02 9.22
C VAL C 312 -0.72 16.32 8.15
N ASP C 313 -0.93 17.40 7.39
CA ASP C 313 0.03 18.01 6.42
C ASP C 313 0.38 17.00 5.32
N GLN C 314 -0.59 16.20 4.85
CA GLN C 314 -0.37 15.08 3.90
C GLN C 314 -0.28 15.60 2.45
N GLU C 315 0.69 15.08 1.68
CA GLU C 315 0.81 15.33 0.21
C GLU C 315 -0.08 14.33 -0.53
N THR C 316 0.07 13.05 -0.21
CA THR C 316 -0.58 11.89 -0.86
C THR C 316 -0.95 10.90 0.26
N TRP C 317 -2.10 10.26 0.20
CA TRP C 317 -2.50 9.29 1.25
C TRP C 317 -2.93 7.98 0.59
N PHE C 318 -3.07 6.91 1.37
CA PHE C 318 -3.18 5.53 0.85
C PHE C 318 -4.43 4.83 1.38
N ILE C 319 -5.30 4.42 0.46
CA ILE C 319 -6.57 3.68 0.73
C ILE C 319 -6.48 2.30 0.07
N PRO C 320 -6.29 1.22 0.85
CA PRO C 320 -6.18 -0.11 0.27
C PRO C 320 -7.54 -0.59 -0.27
N GLY C 321 -7.53 -1.39 -1.33
CA GLY C 321 -8.74 -2.05 -1.86
C GLY C 321 -9.58 -2.61 -0.72
N GLY C 322 -10.88 -2.35 -0.72
CA GLY C 322 -11.81 -2.80 0.32
C GLY C 322 -11.98 -1.81 1.47
N THR C 323 -11.63 -0.53 1.28
CA THR C 323 -11.65 0.54 2.32
C THR C 323 -12.29 1.82 1.77
N ALA C 324 -12.85 2.63 2.68
CA ALA C 324 -13.17 4.08 2.49
C ALA C 324 -12.25 4.92 3.38
N GLY C 325 -11.81 6.07 2.88
CA GLY C 325 -11.01 7.07 3.60
C GLY C 325 -11.62 8.44 3.47
N ALA C 326 -11.22 9.40 4.31
CA ALA C 326 -11.68 10.80 4.29
C ALA C 326 -10.51 11.75 4.55
N ALA C 327 -10.43 12.84 3.78
CA ALA C 327 -9.45 13.94 3.93
C ALA C 327 -10.20 15.28 4.03
N PHE C 328 -9.85 16.10 5.01
CA PHE C 328 -10.45 17.43 5.33
C PHE C 328 -9.44 18.51 4.90
N TYR C 329 -9.81 19.41 3.98
CA TYR C 329 -8.91 20.49 3.50
C TYR C 329 -9.64 21.85 3.55
N THR C 330 -8.88 22.90 3.91
CA THR C 330 -9.24 24.34 3.79
C THR C 330 -8.46 24.96 2.62
N PHE C 331 -9.16 25.33 1.54
CA PHE C 331 -8.60 26.00 0.35
C PHE C 331 -8.09 27.39 0.73
N GLU C 332 -6.84 27.70 0.34
CA GLU C 332 -6.13 28.96 0.65
C GLU C 332 -5.74 29.68 -0.65
N GLN C 333 -6.02 29.10 -1.82
CA GLN C 333 -5.71 29.68 -3.15
C GLN C 333 -6.82 29.33 -4.14
N PRO C 334 -7.13 30.23 -5.11
CA PRO C 334 -8.07 29.94 -6.20
C PRO C 334 -7.42 29.32 -7.43
N GLY C 335 -8.24 28.96 -8.43
CA GLY C 335 -7.83 28.37 -9.72
C GLY C 335 -8.41 26.98 -9.95
N ILE C 336 -7.89 26.28 -10.97
CA ILE C 336 -8.14 24.83 -11.24
C ILE C 336 -7.17 23.99 -10.40
N TYR C 337 -7.72 23.08 -9.59
CA TYR C 337 -6.99 21.99 -8.91
C TYR C 337 -7.33 20.67 -9.62
N ALA C 338 -6.38 19.75 -9.72
CA ALA C 338 -6.63 18.33 -10.10
C ALA C 338 -6.60 17.45 -8.85
N TYR C 339 -7.52 16.48 -8.75
CA TYR C 339 -7.59 15.41 -7.72
C TYR C 339 -7.39 14.07 -8.42
N VAL C 340 -6.28 13.39 -8.15
CA VAL C 340 -5.83 12.21 -8.93
C VAL C 340 -5.53 11.02 -8.03
N ASN C 341 -5.51 9.83 -8.62
CA ASN C 341 -4.77 8.66 -8.11
C ASN C 341 -3.32 8.89 -8.55
N HIS C 342 -2.37 9.02 -7.62
CA HIS C 342 -0.97 9.45 -7.94
C HIS C 342 -0.11 8.27 -8.43
N ASN C 343 -0.72 7.21 -8.95
CA ASN C 343 -0.10 6.46 -10.07
C ASN C 343 -0.56 7.18 -11.33
N LEU C 344 0.31 8.01 -11.91
CA LEU C 344 -0.08 9.03 -12.92
C LEU C 344 -0.46 8.35 -14.25
N ILE C 345 -0.01 7.11 -14.48
CA ILE C 345 -0.47 6.27 -15.62
C ILE C 345 -1.93 5.91 -15.38
N GLU C 346 -2.28 5.57 -14.13
CA GLU C 346 -3.66 5.19 -13.75
C GLU C 346 -4.56 6.44 -13.86
N ALA C 347 -3.99 7.64 -13.63
CA ALA C 347 -4.74 8.94 -13.56
C ALA C 347 -5.00 9.51 -14.96
N PHE C 348 -3.98 9.63 -15.82
CA PHE C 348 -4.01 10.41 -17.09
C PHE C 348 -4.27 9.47 -18.28
N GLU C 349 -3.90 8.20 -18.18
CA GLU C 349 -4.02 7.23 -19.31
C GLU C 349 -5.24 6.31 -19.12
N LEU C 350 -5.60 5.96 -17.88
CA LEU C 350 -6.70 5.00 -17.58
C LEU C 350 -7.96 5.71 -17.05
N GLY C 351 -7.86 6.96 -16.55
CA GLY C 351 -9.03 7.84 -16.36
C GLY C 351 -9.32 8.27 -14.93
N ALA C 352 -8.39 8.11 -13.99
CA ALA C 352 -8.60 8.40 -12.55
C ALA C 352 -8.20 9.85 -12.23
N ALA C 353 -8.94 10.81 -12.79
CA ALA C 353 -8.65 12.25 -12.68
C ALA C 353 -9.94 13.07 -12.58
N ALA C 354 -10.04 13.93 -11.56
CA ALA C 354 -11.13 14.93 -11.40
C ALA C 354 -10.54 16.34 -11.27
N HIS C 355 -11.33 17.37 -11.59
CA HIS C 355 -10.98 18.80 -11.42
C HIS C 355 -11.85 19.42 -10.30
N PHE C 356 -11.27 20.38 -9.57
CA PHE C 356 -11.94 21.37 -8.68
C PHE C 356 -11.85 22.76 -9.33
N ALA C 357 -12.95 23.51 -9.40
CA ALA C 357 -12.98 24.96 -9.72
C ALA C 357 -13.13 25.75 -8.42
N VAL C 358 -12.15 26.59 -8.06
CA VAL C 358 -12.13 27.36 -6.78
C VAL C 358 -12.09 28.87 -7.06
N THR C 359 -13.06 29.61 -6.51
CA THR C 359 -13.23 31.08 -6.64
C THR C 359 -12.45 31.76 -5.51
N GLY C 360 -12.22 33.08 -5.62
CA GLY C 360 -11.58 33.90 -4.57
C GLY C 360 -10.34 34.64 -5.07
N ASP C 361 -9.59 35.26 -4.14
CA ASP C 361 -8.43 36.14 -4.41
C ASP C 361 -7.11 35.38 -4.25
N TRP C 362 -6.19 35.54 -5.19
CA TRP C 362 -4.81 34.97 -5.20
C TRP C 362 -3.98 35.55 -4.02
N ASN C 363 -3.21 34.70 -3.33
CA ASN C 363 -2.37 35.04 -2.15
C ASN C 363 -0.88 34.98 -2.56
N ASP C 364 -0.26 36.15 -2.79
CA ASP C 364 1.12 36.29 -3.32
C ASP C 364 2.15 35.74 -2.34
N ASP C 365 1.91 35.86 -1.03
CA ASP C 365 2.82 35.38 0.04
C ASP C 365 3.08 33.87 -0.11
N LEU C 366 2.04 33.07 -0.42
CA LEU C 366 2.15 31.58 -0.50
C LEU C 366 2.85 31.19 -1.80
N MET C 367 2.58 31.88 -2.91
CA MET C 367 3.17 31.57 -4.25
C MET C 367 3.11 32.81 -5.13
N THR C 368 4.22 33.15 -5.82
CA THR C 368 4.25 34.22 -6.85
C THR C 368 5.23 33.86 -7.98
N SER C 369 4.80 34.07 -9.22
CA SER C 369 5.63 34.04 -10.45
C SER C 369 6.48 35.33 -10.48
N VAL C 370 7.78 35.20 -10.21
CA VAL C 370 8.73 36.35 -10.11
C VAL C 370 8.97 36.88 -11.52
N ARG C 371 9.50 36.01 -12.40
CA ARG C 371 9.61 36.21 -13.87
C ARG C 371 8.78 35.13 -14.56
N ALA C 372 7.88 35.51 -15.48
CA ALA C 372 7.03 34.56 -16.26
C ALA C 372 7.87 33.90 -17.35
N PRO C 373 7.49 32.70 -17.85
CA PRO C 373 8.31 31.96 -18.82
C PRO C 373 8.59 32.67 -20.17
N SER C 374 9.87 32.84 -20.53
CA SER C 374 10.34 33.51 -21.78
C SER C 374 11.87 33.36 -21.96
N GLY C 375 12.38 33.78 -23.13
CA GLY C 375 13.82 33.71 -23.50
C GLY C 375 14.61 34.85 -22.89
#